data_2YAZ
#
_entry.id   2YAZ
#
_cell.length_a   109.110
_cell.length_b   109.110
_cell.length_c   309.311
_cell.angle_alpha   90.00
_cell.angle_beta   90.00
_cell.angle_gamma   120.00
#
_symmetry.space_group_name_H-M   'P 31 2 1'
#
loop_
_entity.id
_entity.type
_entity.pdbx_description
1 polymer DUTPASE
2 non-polymer "2'-DEOXYURIDINE 5'-MONOPHOSPHATE"
3 non-polymer 'SULFATE ION'
4 non-polymer 'MAGNESIUM ION'
5 water water
#
_entity_poly.entity_id   1
_entity_poly.type   'polypeptide(L)'
_entity_poly.pdbx_seq_one_letter_code
;GPAMKRARSANIPGAILHSLAELQDGLNAMIDPSWRAVRSLDNWALAITMESTELLDSYPWKWWKNLNATPDLANVRIEL
VDIFHFSLSGAMQMRSTPDDEIPAASLKPLKEVMTTFLPAKECTSDPYGFVFFPLTDTQNAIASFRNIIQLANAYRFDVI
IECIIYAAEDLGFNLVAYYIAKHTLNCIRQLSGYKDGSYVKVNNGVEDNSLLHNCIKDVSLDEVLDADKYVQAWNSIMAN
VYEAFQIKESDRKDAERWFALAKENRLAIKA
;
_entity_poly.pdbx_strand_id   A,B,D,E
#
# COMPACT_ATOMS: atom_id res chain seq x y z
N ASN A 11 19.55 -10.45 -11.56
CA ASN A 11 20.96 -9.97 -11.41
C ASN A 11 21.36 -9.04 -12.54
N ILE A 12 22.01 -7.94 -12.15
CA ILE A 12 22.37 -6.85 -13.03
C ILE A 12 23.75 -7.04 -13.64
N PRO A 13 23.82 -7.31 -14.96
CA PRO A 13 25.15 -7.47 -15.53
C PRO A 13 26.09 -6.35 -15.09
N GLY A 14 27.37 -6.70 -14.92
CA GLY A 14 28.41 -5.74 -14.56
C GLY A 14 28.42 -4.46 -15.38
N ALA A 15 28.28 -4.56 -16.69
CA ALA A 15 28.33 -3.37 -17.53
C ALA A 15 27.10 -2.47 -17.38
N ILE A 16 25.98 -3.05 -16.96
CA ILE A 16 24.79 -2.24 -16.65
C ILE A 16 25.07 -1.44 -15.38
N LEU A 17 25.60 -2.11 -14.35
CA LEU A 17 25.94 -1.45 -13.09
C LEU A 17 26.89 -0.29 -13.35
N HIS A 18 27.87 -0.53 -14.21
CA HIS A 18 28.81 0.49 -14.59
C HIS A 18 28.12 1.70 -15.20
N SER A 19 27.01 1.49 -15.88
CA SER A 19 26.33 2.58 -16.54
C SER A 19 25.39 3.33 -15.63
N LEU A 20 24.81 2.60 -14.67
CA LEU A 20 24.01 3.22 -13.62
C LEU A 20 24.89 4.19 -12.82
N ALA A 21 26.10 3.74 -12.51
CA ALA A 21 27.10 4.57 -11.83
C ALA A 21 27.28 5.92 -12.51
N GLU A 22 27.20 5.92 -13.83
CA GLU A 22 27.41 7.14 -14.60
C GLU A 22 26.20 8.07 -14.50
N LEU A 23 25.00 7.51 -14.47
CA LEU A 23 23.82 8.32 -14.20
C LEU A 23 23.85 8.87 -12.77
N GLN A 24 24.33 8.06 -11.83
CA GLN A 24 24.46 8.49 -10.42
C GLN A 24 25.43 9.66 -10.31
N ASP A 25 26.59 9.48 -10.94
CA ASP A 25 27.59 10.55 -11.06
C ASP A 25 26.95 11.85 -11.52
N GLY A 26 26.29 11.80 -12.67
CA GLY A 26 25.61 12.97 -13.21
C GLY A 26 24.58 13.61 -12.30
N LEU A 27 23.75 12.80 -11.64
CA LEU A 27 22.80 13.34 -10.68
C LEU A 27 23.53 13.99 -9.50
N ASN A 28 24.57 13.34 -9.02
CA ASN A 28 25.40 13.90 -7.95
C ASN A 28 26.02 15.27 -8.29
N ALA A 29 26.43 15.47 -9.54
CA ALA A 29 27.07 16.72 -9.98
C ALA A 29 26.07 17.85 -10.12
N MET A 30 24.81 17.49 -10.36
CA MET A 30 23.73 18.46 -10.43
C MET A 30 23.52 19.09 -9.04
N ILE A 31 23.70 18.27 -8.00
CA ILE A 31 23.57 18.70 -6.62
C ILE A 31 24.80 19.52 -6.16
N ASP A 32 26.00 18.98 -6.38
CA ASP A 32 27.26 19.74 -6.19
C ASP A 32 28.24 19.42 -7.32
N PRO A 33 28.65 20.44 -8.10
CA PRO A 33 29.60 20.24 -9.20
C PRO A 33 30.83 19.36 -8.87
N SER A 34 31.39 19.49 -7.67
CA SER A 34 32.62 18.75 -7.38
C SER A 34 32.39 17.73 -6.25
N TRP A 35 31.33 16.94 -6.38
CA TRP A 35 30.77 16.19 -5.27
C TRP A 35 31.76 15.23 -4.62
N ARG A 36 32.67 14.67 -5.41
CA ARG A 36 33.60 13.68 -4.90
C ARG A 36 34.55 14.29 -3.87
N ALA A 37 34.89 15.57 -4.06
CA ALA A 37 35.74 16.28 -3.11
C ALA A 37 34.92 16.84 -1.94
N VAL A 38 33.64 17.12 -2.20
CA VAL A 38 32.77 17.76 -1.20
C VAL A 38 32.16 16.74 -0.21
N ARG A 39 31.65 15.64 -0.73
CA ARG A 39 31.07 14.57 0.08
C ARG A 39 32.14 13.70 0.77
N SER A 40 31.74 13.00 1.82
CA SER A 40 32.65 12.11 2.55
C SER A 40 32.04 10.71 2.51
N LEU A 41 32.87 9.69 2.76
CA LEU A 41 32.37 8.33 2.95
C LEU A 41 31.25 8.24 4.00
N ASP A 42 31.42 8.93 5.12
CA ASP A 42 30.41 8.97 6.20
C ASP A 42 29.09 9.55 5.76
N ASN A 43 29.11 10.57 4.89
CA ASN A 43 27.84 11.06 4.31
C ASN A 43 27.03 9.93 3.71
N TRP A 44 27.66 9.11 2.88
CA TRP A 44 26.88 8.06 2.21
C TRP A 44 26.40 6.97 3.16
N ALA A 45 27.24 6.62 4.15
CA ALA A 45 26.95 5.58 5.11
C ALA A 45 25.80 6.01 6.02
N LEU A 46 25.75 7.29 6.34
CA LEU A 46 24.65 7.84 7.10
C LEU A 46 23.35 7.84 6.29
N ALA A 47 23.42 8.32 5.06
CA ALA A 47 22.25 8.30 4.17
C ALA A 47 21.61 6.93 4.10
N ILE A 48 22.43 5.91 3.89
CA ILE A 48 21.96 4.53 3.85
C ILE A 48 21.33 4.09 5.19
N THR A 49 21.96 4.48 6.30
CA THR A 49 21.41 4.23 7.62
C THR A 49 20.02 4.87 7.76
N MET A 50 19.94 6.17 7.46
CA MET A 50 18.64 6.86 7.49
C MET A 50 17.59 6.25 6.56
N GLU A 51 17.99 5.85 5.35
CA GLU A 51 17.04 5.22 4.44
C GLU A 51 16.68 3.83 4.90
N SER A 52 17.64 3.12 5.51
CA SER A 52 17.36 1.76 6.04
C SER A 52 16.23 1.75 7.07
N THR A 53 16.21 2.76 7.96
CA THR A 53 15.14 2.83 8.95
C THR A 53 13.83 3.37 8.38
N GLU A 54 13.91 4.22 7.36
CA GLU A 54 12.68 4.59 6.62
C GLU A 54 12.08 3.35 5.96
N LEU A 55 12.95 2.46 5.48
CA LEU A 55 12.47 1.23 4.91
C LEU A 55 11.73 0.43 5.97
N LEU A 56 12.33 0.26 7.15
CA LEU A 56 11.73 -0.58 8.20
C LEU A 56 10.43 -0.03 8.71
N ASP A 57 10.29 1.29 8.61
CA ASP A 57 9.09 1.96 9.08
C ASP A 57 7.95 1.85 8.06
N SER A 58 8.21 1.16 6.95
CA SER A 58 7.12 0.76 6.04
C SER A 58 6.41 -0.49 6.59
N TYR A 59 7.00 -1.11 7.60
CA TYR A 59 6.53 -2.37 8.17
C TYR A 59 5.86 -2.14 9.51
N PRO A 60 4.89 -3.01 9.88
CA PRO A 60 4.17 -2.88 11.14
C PRO A 60 5.01 -3.40 12.31
N TRP A 61 6.11 -2.70 12.63
CA TRP A 61 7.09 -3.20 13.61
C TRP A 61 6.74 -2.82 15.06
N LYS A 62 5.90 -1.80 15.23
CA LYS A 62 5.50 -1.32 16.53
C LYS A 62 4.48 -2.23 17.22
N TRP A 63 4.88 -2.80 18.34
CA TRP A 63 3.99 -3.65 19.13
C TRP A 63 3.02 -2.86 20.01
N TRP A 64 3.05 -1.53 19.95
CA TRP A 64 2.20 -0.72 20.86
C TRP A 64 1.19 0.18 20.19
N LYS A 65 1.12 0.07 18.86
CA LYS A 65 0.42 1.04 18.03
C LYS A 65 0.13 0.40 16.66
N ASN A 66 -1.08 0.65 16.13
CA ASN A 66 -1.44 0.27 14.74
C ASN A 66 -1.17 -1.20 14.43
N LEU A 67 -1.75 -2.06 15.27
CA LEU A 67 -1.45 -3.49 15.27
C LEU A 67 -1.96 -4.31 14.06
N ASN A 68 -2.95 -3.84 13.31
CA ASN A 68 -3.23 -4.53 12.05
C ASN A 68 -2.78 -3.82 10.75
N ALA A 69 -1.83 -2.90 10.89
CA ALA A 69 -1.24 -2.28 9.73
C ALA A 69 -0.54 -3.32 8.84
N THR A 70 -0.49 -2.98 7.56
CA THR A 70 -0.01 -3.82 6.43
C THR A 70 1.40 -3.33 6.06
N PRO A 71 2.35 -4.25 5.76
CA PRO A 71 3.63 -3.68 5.22
C PRO A 71 3.40 -2.84 3.97
N ASP A 72 4.00 -1.67 3.91
CA ASP A 72 3.81 -0.82 2.74
C ASP A 72 4.91 -1.16 1.73
N LEU A 73 4.70 -2.23 0.96
CA LEU A 73 5.75 -2.77 0.08
C LEU A 73 6.04 -1.86 -1.10
N ALA A 74 5.06 -1.08 -1.53
CA ALA A 74 5.27 -0.09 -2.58
C ALA A 74 6.35 0.89 -2.12
N ASN A 75 6.22 1.35 -0.88
CA ASN A 75 7.22 2.25 -0.30
C ASN A 75 8.57 1.56 -0.07
N VAL A 76 8.56 0.29 0.32
CA VAL A 76 9.83 -0.48 0.40
C VAL A 76 10.59 -0.48 -0.96
N ARG A 77 9.87 -0.52 -2.10
CA ARG A 77 10.55 -0.50 -3.40
C ARG A 77 11.31 0.79 -3.61
N ILE A 78 10.69 1.89 -3.22
CA ILE A 78 11.29 3.19 -3.32
C ILE A 78 12.48 3.35 -2.37
N GLU A 79 12.34 2.88 -1.13
CA GLU A 79 13.47 2.96 -0.24
C GLU A 79 14.65 2.13 -0.72
N LEU A 80 14.38 0.92 -1.23
CA LEU A 80 15.44 0.07 -1.74
C LEU A 80 16.22 0.82 -2.83
N VAL A 81 15.51 1.61 -3.62
CA VAL A 81 16.09 2.33 -4.73
C VAL A 81 16.90 3.53 -4.26
N ASP A 82 16.42 4.21 -3.21
CA ASP A 82 17.18 5.28 -2.58
C ASP A 82 18.49 4.73 -1.99
N ILE A 83 18.39 3.64 -1.23
CA ILE A 83 19.60 3.02 -0.70
C ILE A 83 20.55 2.70 -1.88
N PHE A 84 19.98 2.25 -2.99
CA PHE A 84 20.76 1.97 -4.16
C PHE A 84 21.51 3.23 -4.66
N HIS A 85 20.80 4.36 -4.80
CA HIS A 85 21.46 5.62 -5.19
C HIS A 85 22.62 5.90 -4.23
N PHE A 86 22.38 5.76 -2.92
CA PHE A 86 23.38 6.12 -1.94
C PHE A 86 24.55 5.16 -1.91
N SER A 87 24.30 3.87 -2.20
CA SER A 87 25.40 2.90 -2.17
C SER A 87 26.25 2.98 -3.43
N LEU A 88 25.64 3.30 -4.57
CA LEU A 88 26.40 3.52 -5.79
C LEU A 88 27.34 4.69 -5.55
N SER A 89 26.80 5.75 -4.92
CA SER A 89 27.61 6.94 -4.64
C SER A 89 28.78 6.60 -3.73
N GLY A 90 28.52 5.80 -2.69
CA GLY A 90 29.57 5.37 -1.75
C GLY A 90 30.64 4.53 -2.44
N ALA A 91 30.23 3.60 -3.30
CA ALA A 91 31.19 2.73 -3.98
C ALA A 91 32.12 3.58 -4.85
N MET A 92 31.53 4.59 -5.51
CA MET A 92 32.29 5.53 -6.31
C MET A 92 33.22 6.37 -5.44
N GLN A 93 32.70 6.87 -4.32
CA GLN A 93 33.48 7.63 -3.38
C GLN A 93 34.72 6.82 -2.92
N MET A 94 34.51 5.56 -2.54
CA MET A 94 35.63 4.66 -2.23
C MET A 94 36.70 4.63 -3.35
N ARG A 95 36.27 4.47 -4.60
CA ARG A 95 37.20 4.30 -5.73
C ARG A 95 38.08 5.53 -5.96
N SER A 96 37.62 6.69 -5.53
CA SER A 96 38.40 7.92 -5.73
C SER A 96 38.95 8.50 -4.43
N THR A 97 38.81 7.74 -3.34
CA THR A 97 39.45 8.06 -2.07
C THR A 97 40.91 7.54 -2.11
N PRO A 98 41.91 8.38 -1.78
CA PRO A 98 43.29 7.89 -1.74
C PRO A 98 43.45 6.75 -0.75
N ASP A 99 44.34 5.81 -1.04
CA ASP A 99 44.50 4.63 -0.21
C ASP A 99 44.78 4.94 1.25
N ASP A 100 45.65 5.91 1.51
CA ASP A 100 46.02 6.26 2.88
C ASP A 100 44.88 6.91 3.68
N GLU A 101 43.79 7.27 2.99
CA GLU A 101 42.57 7.81 3.61
C GLU A 101 41.44 6.79 3.68
N ILE A 102 41.72 5.56 3.23
CA ILE A 102 40.72 4.47 3.24
C ILE A 102 40.49 3.97 4.67
N PRO A 103 39.25 4.13 5.18
CA PRO A 103 38.95 3.69 6.54
C PRO A 103 39.27 2.22 6.70
N ALA A 104 39.94 1.87 7.80
CA ALA A 104 40.45 0.53 8.02
C ALA A 104 39.37 -0.55 8.13
N ALA A 105 38.19 -0.18 8.64
CA ALA A 105 37.08 -1.12 8.75
C ALA A 105 36.67 -1.75 7.39
N SER A 106 36.83 -0.98 6.30
CA SER A 106 36.46 -1.48 4.96
C SER A 106 37.30 -2.66 4.53
N LEU A 107 38.51 -2.78 5.07
CA LEU A 107 39.42 -3.84 4.71
C LEU A 107 39.36 -5.11 5.57
N LYS A 108 38.60 -5.07 6.67
CA LYS A 108 38.57 -6.22 7.59
C LYS A 108 37.59 -7.31 7.09
N PRO A 109 37.84 -8.58 7.44
CA PRO A 109 36.86 -9.60 7.10
C PRO A 109 35.50 -9.22 7.69
N LEU A 110 34.43 -9.48 6.92
CA LEU A 110 33.07 -9.14 7.32
C LEU A 110 32.71 -9.65 8.75
N LYS A 111 33.12 -10.89 9.09
CA LYS A 111 32.93 -11.47 10.43
C LYS A 111 33.40 -10.54 11.56
N GLU A 112 34.50 -9.82 11.34
CA GLU A 112 35.05 -8.94 12.38
C GLU A 112 34.29 -7.63 12.56
N VAL A 113 33.49 -7.23 11.57
CA VAL A 113 32.92 -5.90 11.62
C VAL A 113 31.40 -5.97 11.76
N MET A 114 30.85 -7.18 11.81
CA MET A 114 29.44 -7.24 12.11
C MET A 114 28.98 -8.38 12.96
N THR A 115 27.81 -8.20 13.56
CA THR A 115 27.12 -9.27 14.22
C THR A 115 25.91 -9.46 13.34
N THR A 116 25.77 -10.65 12.80
CA THR A 116 24.73 -10.92 11.83
C THR A 116 23.47 -11.25 12.60
N PHE A 117 22.47 -10.40 12.44
CA PHE A 117 21.16 -10.61 12.99
C PHE A 117 20.41 -11.62 12.15
N LEU A 118 19.86 -12.63 12.79
CA LEU A 118 19.06 -13.67 12.16
C LEU A 118 17.64 -13.60 12.67
N PRO A 119 16.66 -13.84 11.78
CA PRO A 119 15.28 -13.95 12.28
C PRO A 119 15.11 -15.21 13.14
N ALA A 120 14.11 -15.24 14.00
CA ALA A 120 13.87 -16.41 14.84
C ALA A 120 13.37 -17.60 14.02
N LYS A 121 12.50 -17.35 13.04
CA LYS A 121 11.92 -18.43 12.23
C LYS A 121 12.81 -18.73 11.02
N GLU A 122 12.91 -20.00 10.66
CA GLU A 122 13.74 -20.46 9.52
C GLU A 122 13.34 -19.79 8.22
N CYS A 123 14.33 -19.56 7.36
CA CYS A 123 14.08 -18.87 6.10
C CYS A 123 15.26 -19.06 5.16
N THR A 124 15.13 -18.57 3.94
CA THR A 124 16.27 -18.50 3.04
C THR A 124 16.86 -17.10 3.18
N SER A 125 18.05 -16.93 2.62
CA SER A 125 18.76 -15.66 2.61
C SER A 125 19.54 -15.49 1.31
N ASP A 126 20.10 -14.29 1.12
CA ASP A 126 21.07 -14.04 0.07
C ASP A 126 22.35 -14.86 0.32
N PRO A 127 23.27 -14.91 -0.66
CA PRO A 127 24.52 -15.68 -0.51
C PRO A 127 25.40 -15.29 0.68
N TYR A 128 25.29 -14.07 1.18
CA TYR A 128 26.13 -13.67 2.31
C TYR A 128 25.48 -14.06 3.63
N GLY A 129 24.16 -14.20 3.61
CA GLY A 129 23.40 -14.53 4.80
C GLY A 129 23.09 -13.28 5.60
N PHE A 130 22.87 -12.15 4.91
CA PHE A 130 22.59 -10.85 5.54
C PHE A 130 21.17 -10.37 5.35
N VAL A 131 20.54 -10.85 4.28
CA VAL A 131 19.18 -10.45 3.93
C VAL A 131 18.28 -11.68 3.86
N PHE A 132 17.03 -11.56 4.33
CA PHE A 132 16.21 -12.76 4.58
C PHE A 132 14.87 -12.74 3.88
N PHE A 133 14.44 -13.90 3.41
CA PHE A 133 13.29 -14.00 2.53
C PHE A 133 12.26 -14.97 3.13
N PRO A 134 10.97 -14.68 2.95
CA PRO A 134 10.47 -13.52 2.18
C PRO A 134 10.53 -12.18 2.93
N LEU A 135 10.84 -11.12 2.20
CA LEU A 135 10.79 -9.77 2.71
C LEU A 135 9.37 -9.20 2.84
N THR A 136 8.34 -9.98 2.54
CA THR A 136 6.97 -9.61 2.96
C THR A 136 6.82 -9.73 4.51
N ASP A 137 7.77 -10.41 5.14
CA ASP A 137 7.70 -10.72 6.54
C ASP A 137 8.47 -9.69 7.36
N THR A 138 7.79 -9.07 8.31
CA THR A 138 8.39 -8.00 9.12
C THR A 138 9.73 -8.37 9.80
N GLN A 139 9.80 -9.55 10.44
CA GLN A 139 11.02 -9.91 11.16
C GLN A 139 12.16 -10.20 10.18
N ASN A 140 11.85 -10.79 9.03
CA ASN A 140 12.85 -10.94 7.97
C ASN A 140 13.41 -9.60 7.51
N ALA A 141 12.53 -8.62 7.32
CA ALA A 141 12.96 -7.29 6.93
C ALA A 141 13.85 -6.66 7.99
N ILE A 142 13.43 -6.78 9.25
CA ILE A 142 14.14 -6.14 10.36
C ILE A 142 15.57 -6.65 10.45
N ALA A 143 15.74 -7.97 10.46
CA ALA A 143 17.08 -8.51 10.60
C ALA A 143 17.91 -8.10 9.38
N SER A 144 17.28 -8.02 8.21
CA SER A 144 18.00 -7.69 6.95
C SER A 144 18.60 -6.31 7.05
N PHE A 145 17.78 -5.34 7.41
CA PHE A 145 18.26 -3.96 7.43
C PHE A 145 19.02 -3.54 8.69
N ARG A 146 18.93 -4.33 9.75
CA ARG A 146 19.91 -4.09 10.82
C ARG A 146 21.29 -4.62 10.38
N ASN A 147 21.31 -5.53 9.40
CA ASN A 147 22.60 -5.95 8.86
C ASN A 147 23.15 -4.95 7.85
N ILE A 148 22.28 -4.41 7.00
CA ILE A 148 22.65 -3.35 6.09
C ILE A 148 23.27 -2.14 6.80
N ILE A 149 22.64 -1.70 7.90
CA ILE A 149 23.25 -0.58 8.68
C ILE A 149 24.68 -0.90 9.05
N GLN A 150 24.91 -2.09 9.58
CA GLN A 150 26.28 -2.47 9.97
C GLN A 150 27.22 -2.50 8.76
N LEU A 151 26.70 -2.91 7.61
CA LEU A 151 27.51 -2.90 6.39
C LEU A 151 27.87 -1.48 6.04
N ALA A 152 26.89 -0.57 6.11
CA ALA A 152 27.16 0.86 5.93
C ALA A 152 28.27 1.37 6.85
N ASN A 153 28.23 1.01 8.13
CA ASN A 153 29.28 1.44 9.07
C ASN A 153 30.67 0.94 8.68
N ALA A 154 30.72 -0.17 7.97
CA ALA A 154 32.01 -0.72 7.58
C ALA A 154 32.37 -0.26 6.15
N TYR A 155 31.54 0.61 5.58
CA TYR A 155 31.75 1.20 4.28
C TYR A 155 31.67 0.15 3.18
N ARG A 156 30.82 -0.86 3.37
CA ARG A 156 30.74 -1.94 2.41
C ARG A 156 29.66 -1.73 1.36
N PHE A 157 29.86 -0.70 0.56
CA PHE A 157 28.86 -0.28 -0.40
C PHE A 157 28.55 -1.33 -1.47
N ASP A 158 29.59 -1.99 -1.95
CA ASP A 158 29.44 -3.05 -2.94
C ASP A 158 28.65 -4.24 -2.41
N VAL A 159 28.92 -4.65 -1.17
CA VAL A 159 28.13 -5.74 -0.58
C VAL A 159 26.67 -5.31 -0.49
N ILE A 160 26.44 -4.07 -0.05
CA ILE A 160 25.07 -3.54 0.04
C ILE A 160 24.35 -3.60 -1.31
N ILE A 161 25.02 -3.19 -2.38
CA ILE A 161 24.44 -3.22 -3.74
C ILE A 161 24.00 -4.65 -4.10
N GLU A 162 24.87 -5.60 -3.83
CA GLU A 162 24.51 -6.99 -4.07
C GLU A 162 23.28 -7.41 -3.27
N CYS A 163 23.22 -7.06 -1.98
CA CYS A 163 22.07 -7.42 -1.15
C CYS A 163 20.78 -6.80 -1.68
N ILE A 164 20.86 -5.54 -2.10
CA ILE A 164 19.65 -4.85 -2.60
C ILE A 164 19.14 -5.58 -3.84
N ILE A 165 20.06 -6.04 -4.69
CA ILE A 165 19.70 -6.73 -5.92
C ILE A 165 18.96 -8.01 -5.57
N TYR A 166 19.46 -8.74 -4.59
CA TYR A 166 18.77 -9.93 -4.12
C TYR A 166 17.41 -9.61 -3.44
N ALA A 167 17.37 -8.50 -2.72
CA ALA A 167 16.10 -8.03 -2.14
C ALA A 167 15.05 -7.78 -3.22
N ALA A 168 15.43 -7.05 -4.27
CA ALA A 168 14.51 -6.73 -5.38
C ALA A 168 14.01 -8.01 -6.07
N GLU A 169 14.92 -8.95 -6.25
CA GLU A 169 14.53 -10.22 -6.83
C GLU A 169 13.48 -10.92 -5.93
N ASP A 170 13.73 -11.04 -4.64
CA ASP A 170 12.75 -11.68 -3.74
C ASP A 170 11.40 -10.97 -3.76
N LEU A 171 11.40 -9.64 -3.83
CA LEU A 171 10.16 -8.88 -3.83
C LEU A 171 9.52 -8.77 -5.21
N GLY A 172 10.20 -9.26 -6.24
CA GLY A 172 9.58 -9.41 -7.56
C GLY A 172 9.34 -8.08 -8.24
N PHE A 173 10.24 -7.14 -8.08
CA PHE A 173 10.07 -5.95 -8.89
C PHE A 173 11.36 -5.63 -9.63
N ASN A 174 11.25 -4.71 -10.57
CA ASN A 174 12.34 -4.39 -11.46
C ASN A 174 13.19 -3.26 -10.90
N LEU A 175 14.32 -3.60 -10.28
CA LEU A 175 15.15 -2.62 -9.57
C LEU A 175 15.67 -1.52 -10.50
N VAL A 176 16.11 -1.93 -11.68
CA VAL A 176 16.78 -1.02 -12.59
C VAL A 176 15.75 -0.02 -13.10
N ALA A 177 14.57 -0.53 -13.43
CA ALA A 177 13.47 0.32 -13.88
C ALA A 177 13.09 1.33 -12.79
N TYR A 178 12.94 0.85 -11.56
CA TYR A 178 12.70 1.72 -10.42
C TYR A 178 13.80 2.77 -10.22
N TYR A 179 15.06 2.37 -10.35
CA TYR A 179 16.15 3.32 -10.26
C TYR A 179 16.01 4.44 -11.27
N ILE A 180 15.83 4.08 -12.53
CA ILE A 180 15.74 5.07 -13.58
C ILE A 180 14.58 6.04 -13.25
N ALA A 181 13.47 5.51 -12.78
CA ALA A 181 12.32 6.37 -12.44
C ALA A 181 12.65 7.34 -11.29
N LYS A 182 13.23 6.82 -10.21
CA LYS A 182 13.51 7.65 -9.05
C LYS A 182 14.61 8.66 -9.40
N HIS A 183 15.60 8.19 -10.17
CA HIS A 183 16.63 9.06 -10.74
C HIS A 183 16.01 10.24 -11.45
N THR A 184 15.00 9.97 -12.28
CA THR A 184 14.35 11.04 -13.01
C THR A 184 13.67 12.01 -12.07
N LEU A 185 13.02 11.47 -11.03
CA LEU A 185 12.36 12.32 -10.03
C LEU A 185 13.36 13.19 -9.28
N ASN A 186 14.50 12.62 -8.96
CA ASN A 186 15.53 13.41 -8.30
C ASN A 186 15.95 14.61 -9.12
N CYS A 187 16.10 14.43 -10.44
CA CYS A 187 16.43 15.59 -11.31
C CYS A 187 15.30 16.61 -11.26
N ILE A 188 14.07 16.12 -11.41
CA ILE A 188 12.89 16.95 -11.38
C ILE A 188 12.87 17.81 -10.12
N ARG A 189 13.19 17.19 -8.99
CA ARG A 189 13.27 17.91 -7.71
C ARG A 189 14.30 19.04 -7.74
N GLN A 190 15.51 18.73 -8.15
CA GLN A 190 16.54 19.76 -8.25
C GLN A 190 16.17 20.92 -9.18
N LEU A 191 15.50 20.61 -10.30
CA LEU A 191 14.98 21.60 -11.23
C LEU A 191 13.94 22.51 -10.59
N SER A 192 13.02 21.91 -9.84
CA SER A 192 11.89 22.62 -9.27
C SER A 192 12.23 23.32 -7.96
N GLY A 193 13.51 23.40 -7.65
CA GLY A 193 14.02 24.12 -6.46
C GLY A 193 13.78 23.46 -5.11
N TYR A 194 14.17 22.20 -5.01
CA TYR A 194 14.08 21.39 -3.79
C TYR A 194 15.05 21.91 -2.74
N LYS A 195 16.24 22.32 -3.19
CA LYS A 195 17.29 22.88 -2.34
C LYS A 195 16.87 24.04 -1.45
N ASP A 196 15.91 24.82 -1.89
CA ASP A 196 15.57 26.07 -1.20
C ASP A 196 14.13 26.11 -0.71
N GLY A 197 13.41 25.00 -0.91
CA GLY A 197 12.03 24.87 -0.43
C GLY A 197 10.90 25.24 -1.39
N SER A 198 11.21 25.58 -2.64
CA SER A 198 10.18 25.90 -3.65
C SER A 198 9.40 24.65 -4.05
N TYR A 199 10.00 23.49 -3.80
CA TYR A 199 9.37 22.20 -4.10
C TYR A 199 9.29 21.33 -2.84
N VAL A 200 8.13 20.71 -2.64
CA VAL A 200 7.96 19.79 -1.52
C VAL A 200 7.63 18.41 -2.09
N LYS A 201 8.16 17.37 -1.44
CA LYS A 201 8.00 16.04 -1.93
C LYS A 201 6.64 15.44 -1.51
N VAL A 202 6.09 15.94 -0.41
CA VAL A 202 4.78 15.52 0.09
C VAL A 202 3.90 16.71 0.52
N ASN A 203 2.68 16.79 0.00
CA ASN A 203 1.65 17.72 0.49
C ASN A 203 0.25 17.14 0.24
N ASN A 204 -0.72 17.48 1.09
CA ASN A 204 -2.10 16.95 1.02
C ASN A 204 -2.18 15.44 0.73
N GLY A 205 -1.36 14.65 1.43
CA GLY A 205 -1.38 13.20 1.31
C GLY A 205 -0.90 12.65 -0.03
N VAL A 206 -0.20 13.47 -0.81
CA VAL A 206 0.32 13.08 -2.12
C VAL A 206 1.82 13.20 -2.07
N GLU A 207 2.48 12.05 -2.12
CA GLU A 207 3.92 12.00 -2.12
C GLU A 207 4.40 11.76 -3.56
N ASP A 208 5.40 12.51 -3.99
CA ASP A 208 5.88 12.38 -5.35
C ASP A 208 6.35 10.95 -5.74
N ASN A 209 7.00 10.23 -4.82
CA ASN A 209 7.44 8.87 -5.12
C ASN A 209 6.29 7.97 -5.49
N SER A 210 5.12 8.25 -4.94
CA SER A 210 4.02 7.31 -5.06
C SER A 210 3.46 7.33 -6.49
N LEU A 211 3.83 8.36 -7.26
CA LEU A 211 3.39 8.50 -8.64
C LEU A 211 4.34 7.82 -9.61
N LEU A 212 5.44 7.32 -9.07
CA LEU A 212 6.42 6.60 -9.89
C LEU A 212 5.89 5.23 -10.37
N HIS A 213 5.19 4.49 -9.51
CA HIS A 213 4.76 3.11 -9.82
C HIS A 213 4.04 2.90 -11.17
N ASN A 214 3.11 3.79 -11.51
CA ASN A 214 2.38 3.66 -12.76
C ASN A 214 3.20 4.02 -14.00
N CYS A 215 4.30 4.73 -13.80
CA CYS A 215 5.25 5.02 -14.88
C CYS A 215 6.04 3.81 -15.40
N ILE A 216 6.13 2.72 -14.64
CA ILE A 216 7.01 1.62 -15.01
C ILE A 216 6.39 0.23 -14.83
N LYS A 217 5.07 0.20 -14.59
CA LYS A 217 4.32 -1.05 -14.31
C LYS A 217 4.57 -2.18 -15.33
N ASP A 218 4.73 -1.78 -16.58
CA ASP A 218 4.73 -2.68 -17.74
C ASP A 218 6.13 -3.15 -18.11
N VAL A 219 7.14 -2.60 -17.44
CA VAL A 219 8.51 -2.65 -17.94
C VAL A 219 9.22 -3.96 -17.61
N SER A 220 9.65 -4.67 -18.65
CA SER A 220 10.22 -6.00 -18.46
C SER A 220 11.65 -5.96 -17.92
N LEU A 221 12.05 -7.03 -17.24
CA LEU A 221 13.43 -7.18 -16.79
C LEU A 221 14.38 -7.14 -17.97
N ASP A 222 14.04 -7.85 -19.05
CA ASP A 222 14.87 -7.94 -20.26
C ASP A 222 15.09 -6.59 -20.99
N GLU A 223 14.06 -5.77 -21.13
CA GLU A 223 14.22 -4.44 -21.70
C GLU A 223 15.36 -3.68 -21.02
N VAL A 224 15.32 -3.57 -19.70
CA VAL A 224 16.22 -2.64 -19.01
C VAL A 224 17.64 -3.16 -18.79
N LEU A 225 17.87 -4.46 -19.00
CA LEU A 225 19.16 -5.07 -18.65
C LEU A 225 19.93 -5.51 -19.88
N ASP A 226 19.22 -5.62 -20.99
CA ASP A 226 19.76 -6.04 -22.26
C ASP A 226 20.92 -5.08 -22.60
N ALA A 227 22.14 -5.55 -22.37
CA ALA A 227 23.34 -4.72 -22.55
C ALA A 227 23.54 -4.32 -24.01
N ASP A 228 22.48 -4.50 -24.80
CA ASP A 228 22.43 -3.95 -26.15
C ASP A 228 21.32 -2.92 -26.29
N LYS A 229 20.10 -3.23 -25.86
CA LYS A 229 18.94 -2.36 -26.14
C LYS A 229 18.38 -1.60 -24.91
N TYR A 230 19.22 -1.41 -23.90
CA TYR A 230 18.80 -0.84 -22.61
C TYR A 230 18.72 0.69 -22.56
N VAL A 231 19.59 1.35 -23.32
CA VAL A 231 19.59 2.80 -23.44
C VAL A 231 18.22 3.33 -23.82
N GLN A 232 17.61 2.74 -24.86
CA GLN A 232 16.28 3.13 -25.31
C GLN A 232 15.21 2.90 -24.25
N ALA A 233 15.31 1.80 -23.51
CA ALA A 233 14.33 1.47 -22.48
C ALA A 233 14.40 2.48 -21.32
N TRP A 234 15.62 2.85 -20.94
CA TRP A 234 15.81 3.82 -19.87
C TRP A 234 15.22 5.15 -20.28
N ASN A 235 15.47 5.57 -21.52
CA ASN A 235 14.91 6.82 -22.06
C ASN A 235 13.39 6.89 -22.00
N SER A 236 12.73 5.78 -22.36
CA SER A 236 11.26 5.76 -22.34
C SER A 236 10.75 5.87 -20.91
N ILE A 237 11.43 5.22 -19.96
CA ILE A 237 11.13 5.43 -18.54
C ILE A 237 11.32 6.90 -18.16
N MET A 238 12.47 7.46 -18.51
CA MET A 238 12.76 8.88 -18.22
C MET A 238 11.62 9.76 -18.76
N ALA A 239 11.25 9.54 -20.01
CA ALA A 239 10.19 10.35 -20.62
C ALA A 239 8.82 10.17 -19.93
N ASN A 240 8.50 8.94 -19.52
CA ASN A 240 7.21 8.68 -18.89
C ASN A 240 7.11 9.44 -17.57
N VAL A 241 8.22 9.49 -16.85
CA VAL A 241 8.28 10.19 -15.57
C VAL A 241 8.22 11.69 -15.79
N TYR A 242 9.05 12.21 -16.69
CA TYR A 242 8.98 13.63 -17.03
C TYR A 242 7.55 14.00 -17.42
N GLU A 243 6.91 13.18 -18.25
CA GLU A 243 5.52 13.41 -18.65
C GLU A 243 4.58 13.39 -17.44
N ALA A 244 4.80 12.47 -16.50
CA ALA A 244 3.90 12.33 -15.36
C ALA A 244 3.96 13.56 -14.43
N PHE A 245 5.07 14.30 -14.52
CA PHE A 245 5.27 15.50 -13.71
C PHE A 245 5.18 16.78 -14.54
N GLN A 246 4.70 16.66 -15.78
CA GLN A 246 4.48 17.81 -16.67
C GLN A 246 5.72 18.69 -16.89
N ILE A 247 6.87 18.07 -17.07
CA ILE A 247 8.12 18.81 -17.21
C ILE A 247 8.37 19.16 -18.68
N LYS A 248 8.56 20.45 -18.97
CA LYS A 248 8.79 20.95 -20.33
C LYS A 248 9.97 20.23 -20.97
N GLU A 249 9.90 20.05 -22.30
CA GLU A 249 10.90 19.30 -23.06
C GLU A 249 12.33 19.82 -22.88
N SER A 250 12.50 21.14 -22.87
CA SER A 250 13.82 21.76 -22.76
C SER A 250 14.49 21.50 -21.41
N ASP A 251 13.68 21.14 -20.40
CA ASP A 251 14.15 20.84 -19.04
C ASP A 251 14.51 19.37 -18.86
N ARG A 252 14.21 18.56 -19.87
CA ARG A 252 14.48 17.13 -19.81
C ARG A 252 15.89 16.82 -20.25
N LYS A 253 16.38 15.67 -19.79
CA LYS A 253 17.67 15.16 -20.23
C LYS A 253 17.45 13.71 -20.57
N ASP A 254 18.26 13.17 -21.48
CA ASP A 254 18.15 11.77 -21.83
C ASP A 254 19.38 10.99 -21.33
N ALA A 255 19.30 9.66 -21.39
CA ALA A 255 20.41 8.82 -20.90
C ALA A 255 21.74 9.17 -21.56
N GLU A 256 21.75 9.42 -22.87
CA GLU A 256 23.02 9.78 -23.51
C GLU A 256 23.58 11.12 -23.04
N ARG A 257 22.71 12.07 -22.70
CA ARG A 257 23.16 13.35 -22.11
C ARG A 257 23.94 13.11 -20.81
N TRP A 258 23.39 12.27 -19.93
CA TRP A 258 24.07 11.90 -18.68
C TRP A 258 25.36 11.09 -18.88
N PHE A 259 25.38 10.22 -19.89
CA PHE A 259 26.60 9.50 -20.21
C PHE A 259 27.63 10.50 -20.69
N ALA A 260 27.24 11.33 -21.65
CA ALA A 260 28.15 12.35 -22.18
C ALA A 260 28.61 13.29 -21.08
N LEU A 261 27.67 13.78 -20.26
CA LEU A 261 28.02 14.57 -19.08
C LEU A 261 29.14 13.90 -18.28
N ALA A 262 28.99 12.60 -18.02
CA ALA A 262 29.95 11.87 -17.19
C ALA A 262 31.29 11.60 -17.87
N LYS A 263 31.26 11.20 -19.14
CA LYS A 263 32.50 10.99 -19.90
C LYS A 263 33.29 12.29 -20.01
N GLU A 264 32.59 13.40 -20.24
CA GLU A 264 33.24 14.70 -20.40
C GLU A 264 33.82 15.18 -19.06
N ASN A 265 33.20 14.74 -17.97
CA ASN A 265 33.68 15.08 -16.63
C ASN A 265 34.91 14.25 -16.22
N ARG A 266 35.18 13.19 -16.98
CA ARG A 266 36.32 12.32 -16.69
C ARG A 266 37.54 12.65 -17.54
N LEU A 267 37.94 13.92 -17.52
CA LEU A 267 39.13 14.38 -18.24
C LEU A 267 40.10 15.15 -17.35
N LYS B 5 27.45 23.00 51.46
CA LYS B 5 26.16 22.53 50.82
C LYS B 5 26.26 22.15 49.32
N ARG B 6 26.52 20.88 49.04
CA ARG B 6 26.90 20.43 47.69
C ARG B 6 25.75 20.31 46.68
N ALA B 7 26.07 20.56 45.41
CA ALA B 7 25.07 20.59 44.36
C ALA B 7 24.90 19.21 43.70
N ARG B 8 23.64 18.79 43.59
CA ARG B 8 23.31 17.52 42.96
C ARG B 8 23.54 17.65 41.45
N SER B 9 24.45 16.84 40.91
CA SER B 9 24.75 16.88 39.50
C SER B 9 23.64 16.21 38.69
N ALA B 10 23.85 16.11 37.38
CA ALA B 10 23.00 15.27 36.53
C ALA B 10 23.64 13.88 36.40
N ASN B 11 23.37 13.08 37.43
CA ASN B 11 23.49 11.64 37.41
C ASN B 11 22.20 11.24 38.08
N ILE B 12 21.69 10.07 37.78
CA ILE B 12 20.46 9.65 38.40
C ILE B 12 20.79 8.67 39.52
N PRO B 13 20.49 9.04 40.76
CA PRO B 13 20.77 8.12 41.85
C PRO B 13 20.10 6.79 41.61
N GLY B 14 20.68 5.72 42.13
CA GLY B 14 20.11 4.37 42.06
C GLY B 14 18.65 4.27 42.48
N ALA B 15 18.34 4.79 43.67
CA ALA B 15 16.97 4.78 44.21
C ALA B 15 15.92 5.39 43.27
N ILE B 16 16.33 6.43 42.54
CA ILE B 16 15.42 7.11 41.65
C ILE B 16 15.29 6.30 40.37
N LEU B 17 16.40 5.73 39.92
CA LEU B 17 16.37 4.87 38.75
C LEU B 17 15.48 3.67 38.95
N HIS B 18 15.49 3.10 40.15
CA HIS B 18 14.55 2.03 40.50
C HIS B 18 13.12 2.48 40.32
N SER B 19 12.78 3.64 40.90
CA SER B 19 11.43 4.15 40.78
C SER B 19 11.09 4.40 39.29
N LEU B 20 12.01 4.97 38.53
CA LEU B 20 11.79 5.14 37.10
C LEU B 20 11.48 3.82 36.44
N ALA B 21 12.21 2.78 36.83
CA ALA B 21 12.05 1.45 36.25
C ALA B 21 10.68 0.85 36.61
N GLU B 22 10.18 1.14 37.80
CA GLU B 22 8.84 0.68 38.20
C GLU B 22 7.75 1.32 37.34
N LEU B 23 7.90 2.61 37.03
CA LEU B 23 6.98 3.27 36.13
C LEU B 23 7.04 2.58 34.76
N GLN B 24 8.25 2.37 34.26
CA GLN B 24 8.45 1.79 32.96
C GLN B 24 7.82 0.41 32.87
N ASP B 25 7.98 -0.37 33.94
CA ASP B 25 7.39 -1.71 33.99
C ASP B 25 5.86 -1.60 33.85
N GLY B 26 5.28 -0.66 34.58
CA GLY B 26 3.85 -0.40 34.54
C GLY B 26 3.36 -0.03 33.14
N LEU B 27 4.11 0.84 32.46
CA LEU B 27 3.70 1.25 31.14
C LEU B 27 3.80 0.07 30.18
N ASN B 28 4.92 -0.66 30.25
CA ASN B 28 5.14 -1.83 29.42
C ASN B 28 4.04 -2.87 29.63
N ALA B 29 3.58 -2.99 30.86
CA ALA B 29 2.54 -3.95 31.21
C ALA B 29 1.17 -3.53 30.73
N MET B 30 0.93 -2.22 30.64
CA MET B 30 -0.31 -1.73 30.02
C MET B 30 -0.36 -2.22 28.57
N ILE B 31 0.81 -2.29 27.96
CA ILE B 31 0.93 -2.67 26.56
C ILE B 31 0.73 -4.19 26.40
N ASP B 32 1.53 -5.00 27.12
CA ASP B 32 1.33 -6.44 27.23
C ASP B 32 1.60 -6.82 28.68
N PRO B 33 0.64 -7.50 29.34
CA PRO B 33 0.86 -7.85 30.76
C PRO B 33 2.07 -8.75 30.99
N SER B 34 2.40 -9.58 30.02
CA SER B 34 3.57 -10.46 30.17
C SER B 34 4.76 -9.96 29.36
N TRP B 35 4.94 -8.64 29.35
CA TRP B 35 5.88 -8.02 28.41
C TRP B 35 7.26 -8.65 28.38
N ARG B 36 7.73 -9.16 29.52
CA ARG B 36 9.06 -9.74 29.59
C ARG B 36 9.12 -11.03 28.82
N ALA B 37 8.08 -11.84 28.94
CA ALA B 37 8.03 -13.10 28.19
C ALA B 37 7.80 -12.85 26.68
N VAL B 38 7.07 -11.79 26.35
CA VAL B 38 6.68 -11.49 24.98
C VAL B 38 7.77 -10.73 24.19
N ARG B 39 8.32 -9.69 24.79
CA ARG B 39 9.33 -8.91 24.09
C ARG B 39 10.67 -9.66 24.01
N SER B 40 11.51 -9.23 23.09
CA SER B 40 12.84 -9.79 22.97
C SER B 40 13.83 -8.64 23.23
N LEU B 41 15.08 -8.97 23.47
CA LEU B 41 16.11 -7.92 23.54
C LEU B 41 16.25 -7.14 22.22
N ASP B 42 16.14 -7.86 21.09
CA ASP B 42 16.18 -7.27 19.75
C ASP B 42 15.08 -6.23 19.55
N ASN B 43 13.89 -6.46 20.11
CA ASN B 43 12.86 -5.42 20.02
C ASN B 43 13.33 -4.07 20.53
N TRP B 44 13.97 -4.04 21.71
CA TRP B 44 14.34 -2.76 22.31
C TRP B 44 15.49 -2.12 21.53
N ALA B 45 16.42 -2.96 21.07
CA ALA B 45 17.54 -2.48 20.25
C ALA B 45 16.99 -1.92 18.94
N LEU B 46 16.00 -2.60 18.37
CA LEU B 46 15.37 -2.06 17.18
C LEU B 46 14.74 -0.73 17.48
N ALA B 47 13.97 -0.64 18.56
CA ALA B 47 13.29 0.61 18.88
C ALA B 47 14.25 1.77 19.12
N ILE B 48 15.34 1.51 19.83
CA ILE B 48 16.38 2.53 19.99
C ILE B 48 16.99 2.95 18.62
N THR B 49 17.19 1.96 17.75
CA THR B 49 17.70 2.23 16.40
C THR B 49 16.79 3.19 15.64
N MET B 50 15.49 2.92 15.68
CA MET B 50 14.51 3.74 14.97
C MET B 50 14.39 5.14 15.56
N GLU B 51 14.44 5.26 16.89
CA GLU B 51 14.36 6.58 17.51
C GLU B 51 15.64 7.36 17.29
N SER B 52 16.77 6.68 17.30
CA SER B 52 18.03 7.37 16.98
C SER B 52 18.01 8.07 15.61
N THR B 53 17.51 7.40 14.57
CA THR B 53 17.53 8.05 13.25
C THR B 53 16.42 9.10 13.18
N GLU B 54 15.35 8.86 13.93
CA GLU B 54 14.27 9.84 14.02
C GLU B 54 14.75 11.12 14.72
N LEU B 55 15.57 10.96 15.76
CA LEU B 55 16.26 12.08 16.36
C LEU B 55 17.15 12.81 15.32
N LEU B 56 18.04 12.07 14.64
CA LEU B 56 18.94 12.70 13.65
C LEU B 56 18.19 13.48 12.58
N ASP B 57 16.97 13.08 12.30
CA ASP B 57 16.17 13.76 11.32
C ASP B 57 15.67 15.11 11.80
N SER B 58 15.92 15.40 13.06
CA SER B 58 15.64 16.72 13.61
C SER B 58 16.70 17.74 13.18
N TYR B 59 17.88 17.24 12.81
CA TYR B 59 18.96 18.09 12.30
C TYR B 59 18.88 18.22 10.78
N PRO B 60 19.46 19.31 10.25
CA PRO B 60 19.56 19.49 8.80
C PRO B 60 20.78 18.74 8.26
N TRP B 61 20.71 17.40 8.26
CA TRP B 61 21.84 16.58 7.81
C TRP B 61 21.92 16.45 6.29
N LYS B 62 20.84 16.74 5.58
CA LYS B 62 20.78 16.48 4.14
C LYS B 62 21.38 17.61 3.34
N TRP B 63 22.41 17.31 2.54
CA TRP B 63 23.11 18.32 1.74
C TRP B 63 22.37 18.73 0.46
N TRP B 64 21.21 18.14 0.19
CA TRP B 64 20.56 18.35 -1.12
C TRP B 64 19.21 19.05 -1.02
N LYS B 65 18.82 19.41 0.19
CA LYS B 65 17.45 19.83 0.50
C LYS B 65 17.54 20.70 1.75
N ASN B 66 16.67 21.70 1.85
CA ASN B 66 16.49 22.48 3.11
C ASN B 66 17.77 22.97 3.78
N LEU B 67 18.59 23.65 3.00
CA LEU B 67 19.70 24.40 3.56
C LEU B 67 19.07 25.59 4.29
N ASN B 68 19.79 26.16 5.26
CA ASN B 68 19.25 27.25 6.10
C ASN B 68 18.23 26.76 7.13
N ALA B 69 18.18 25.46 7.35
CA ALA B 69 17.34 24.92 8.40
C ALA B 69 18.20 24.72 9.65
N THR B 70 17.58 24.95 10.81
CA THR B 70 18.26 24.76 12.10
C THR B 70 17.70 23.52 12.81
N PRO B 71 18.49 22.92 13.71
CA PRO B 71 18.00 21.72 14.41
C PRO B 71 16.70 22.02 15.15
N ASP B 72 15.75 21.10 15.07
CA ASP B 72 14.52 21.18 15.85
C ASP B 72 14.81 20.56 17.22
N LEU B 73 15.33 21.35 18.14
CA LEU B 73 15.81 20.84 19.41
C LEU B 73 14.69 20.44 20.37
N ALA B 74 13.51 21.03 20.21
CA ALA B 74 12.34 20.58 20.97
C ALA B 74 12.06 19.10 20.72
N ASN B 75 12.16 18.69 19.45
CA ASN B 75 11.94 17.30 19.06
C ASN B 75 13.06 16.35 19.51
N VAL B 76 14.30 16.81 19.41
CA VAL B 76 15.43 16.11 19.99
C VAL B 76 15.18 15.73 21.47
N ARG B 77 14.63 16.65 22.24
CA ARG B 77 14.36 16.42 23.67
C ARG B 77 13.42 15.23 23.86
N ILE B 78 12.33 15.22 23.10
CA ILE B 78 11.33 14.15 23.19
C ILE B 78 11.92 12.81 22.74
N GLU B 79 12.67 12.83 21.64
CA GLU B 79 13.30 11.64 21.11
C GLU B 79 14.30 11.03 22.10
N LEU B 80 15.11 11.87 22.77
CA LEU B 80 15.99 11.40 23.86
C LEU B 80 15.19 10.68 24.94
N VAL B 81 14.05 11.26 25.32
CA VAL B 81 13.20 10.63 26.31
C VAL B 81 12.65 9.28 25.83
N ASP B 82 12.26 9.22 24.54
CA ASP B 82 11.78 7.98 23.95
C ASP B 82 12.89 6.94 24.00
N ILE B 83 14.08 7.31 23.54
CA ILE B 83 15.22 6.40 23.65
C ILE B 83 15.42 5.92 25.11
N PHE B 84 15.27 6.84 26.07
CA PHE B 84 15.42 6.49 27.48
C PHE B 84 14.41 5.38 27.94
N HIS B 85 13.15 5.51 27.56
CA HIS B 85 12.15 4.44 27.81
C HIS B 85 12.64 3.10 27.28
N PHE B 86 13.08 3.09 26.01
CA PHE B 86 13.44 1.84 25.35
C PHE B 86 14.71 1.23 25.93
N SER B 87 15.70 2.06 26.28
CA SER B 87 16.94 1.56 26.92
C SER B 87 16.69 1.05 28.33
N LEU B 88 15.84 1.76 29.06
CA LEU B 88 15.53 1.39 30.42
C LEU B 88 14.80 0.04 30.37
N SER B 89 13.86 -0.08 29.43
CA SER B 89 13.16 -1.34 29.19
C SER B 89 14.14 -2.42 28.82
N GLY B 90 15.14 -2.08 28.02
CA GLY B 90 16.14 -3.06 27.60
C GLY B 90 17.04 -3.50 28.73
N ALA B 91 17.56 -2.53 29.48
CA ALA B 91 18.35 -2.85 30.68
C ALA B 91 17.55 -3.78 31.65
N MET B 92 16.28 -3.48 31.89
CA MET B 92 15.45 -4.31 32.79
C MET B 92 15.32 -5.72 32.29
N GLN B 93 14.97 -5.86 31.02
CA GLN B 93 14.83 -7.16 30.39
C GLN B 93 16.14 -7.95 30.39
N MET B 94 17.27 -7.27 30.19
CA MET B 94 18.58 -7.92 30.28
C MET B 94 18.71 -8.63 31.62
N ARG B 95 18.44 -7.92 32.72
CA ARG B 95 18.44 -8.48 34.08
C ARG B 95 17.45 -9.65 34.26
N SER B 96 16.38 -9.66 33.47
CA SER B 96 15.34 -10.69 33.53
C SER B 96 15.59 -11.91 32.61
N THR B 97 16.60 -11.82 31.72
CA THR B 97 16.90 -12.89 30.77
C THR B 97 17.77 -13.99 31.38
N PRO B 98 17.40 -15.27 31.19
CA PRO B 98 18.25 -16.40 31.59
C PRO B 98 19.57 -16.40 30.82
N ASP B 99 20.60 -16.97 31.45
CA ASP B 99 21.97 -16.89 30.95
C ASP B 99 22.21 -17.55 29.61
N ASP B 100 21.58 -18.70 29.39
CA ASP B 100 21.67 -19.41 28.11
C ASP B 100 20.97 -18.66 26.98
N GLU B 101 20.12 -17.70 27.34
CA GLU B 101 19.44 -16.85 26.36
C GLU B 101 20.15 -15.50 26.16
N ILE B 102 21.31 -15.31 26.79
CA ILE B 102 22.08 -14.07 26.65
C ILE B 102 22.85 -14.03 25.32
N PRO B 103 22.53 -13.05 24.46
CA PRO B 103 23.22 -12.87 23.17
C PRO B 103 24.72 -12.67 23.36
N ALA B 104 25.51 -13.47 22.65
CA ALA B 104 26.96 -13.47 22.81
C ALA B 104 27.58 -12.08 22.65
N ALA B 105 26.97 -11.27 21.79
CA ALA B 105 27.46 -9.93 21.56
C ALA B 105 27.51 -9.07 22.83
N SER B 106 26.52 -9.24 23.72
CA SER B 106 26.48 -8.47 24.95
C SER B 106 27.69 -8.71 25.87
N LEU B 107 28.40 -9.81 25.62
CA LEU B 107 29.53 -10.23 26.46
C LEU B 107 30.92 -10.02 25.84
N LYS B 108 30.98 -9.87 24.51
CA LYS B 108 32.26 -9.61 23.83
C LYS B 108 32.70 -8.17 24.14
N PRO B 109 34.03 -7.92 24.17
CA PRO B 109 34.53 -6.56 24.40
C PRO B 109 33.97 -5.58 23.38
N LEU B 110 33.62 -4.39 23.82
CA LEU B 110 32.96 -3.42 22.96
C LEU B 110 33.71 -3.13 21.64
N LYS B 111 35.04 -3.02 21.71
CA LYS B 111 35.91 -2.69 20.59
C LYS B 111 35.78 -3.70 19.43
N GLU B 112 35.39 -4.93 19.76
CA GLU B 112 35.26 -5.98 18.77
C GLU B 112 33.96 -5.82 17.99
N VAL B 113 32.94 -5.28 18.62
CA VAL B 113 31.61 -5.19 18.00
C VAL B 113 31.23 -3.77 17.62
N MET B 114 32.20 -2.85 17.58
CA MET B 114 31.83 -1.47 17.35
C MET B 114 32.97 -0.59 16.90
N THR B 115 32.63 0.38 16.07
CA THR B 115 33.53 1.39 15.58
C THR B 115 32.99 2.70 16.09
N THR B 116 33.84 3.47 16.75
CA THR B 116 33.42 4.70 17.36
C THR B 116 33.59 5.84 16.37
N PHE B 117 32.47 6.46 16.02
CA PHE B 117 32.53 7.62 15.15
C PHE B 117 32.88 8.85 15.95
N LEU B 118 33.70 9.70 15.33
CA LEU B 118 34.18 10.94 15.92
C LEU B 118 33.85 12.06 14.98
N PRO B 119 33.46 13.23 15.50
CA PRO B 119 33.27 14.36 14.60
C PRO B 119 34.63 14.89 14.11
N ALA B 120 34.64 15.68 13.05
CA ALA B 120 35.91 16.16 12.50
C ALA B 120 36.52 17.26 13.39
N LYS B 121 35.68 18.18 13.85
CA LYS B 121 36.14 19.31 14.66
C LYS B 121 36.27 18.89 16.13
N GLU B 122 37.21 19.53 16.82
CA GLU B 122 37.45 19.26 18.23
C GLU B 122 36.18 19.49 19.04
N CYS B 123 35.96 18.65 20.04
CA CYS B 123 34.81 18.81 20.92
C CYS B 123 35.05 18.11 22.24
N THR B 124 34.15 18.30 23.18
CA THR B 124 34.15 17.47 24.37
C THR B 124 33.19 16.33 24.13
N SER B 125 33.26 15.32 24.98
CA SER B 125 32.44 14.14 24.86
C SER B 125 32.02 13.68 26.24
N ASP B 126 31.22 12.62 26.29
CA ASP B 126 30.80 12.04 27.57
C ASP B 126 31.97 11.21 28.08
N PRO B 127 31.84 10.61 29.27
CA PRO B 127 33.03 9.91 29.77
C PRO B 127 33.45 8.70 28.93
N TYR B 128 32.50 8.07 28.26
CA TYR B 128 32.80 6.90 27.45
C TYR B 128 33.45 7.27 26.12
N GLY B 129 33.25 8.51 25.69
CA GLY B 129 33.66 8.94 24.35
C GLY B 129 32.70 8.51 23.24
N PHE B 130 31.39 8.40 23.54
CA PHE B 130 30.41 7.98 22.53
C PHE B 130 29.52 9.09 22.02
N VAL B 131 29.35 10.12 22.83
CA VAL B 131 28.40 11.18 22.55
C VAL B 131 29.14 12.50 22.70
N PHE B 132 28.83 13.47 21.84
CA PHE B 132 29.70 14.62 21.63
C PHE B 132 28.97 15.94 21.75
N PHE B 133 29.65 16.90 22.36
CA PHE B 133 29.05 18.17 22.76
C PHE B 133 29.78 19.34 22.11
N PRO B 134 29.04 20.41 21.76
CA PRO B 134 27.61 20.63 21.99
C PRO B 134 26.75 19.88 21.01
N LEU B 135 25.59 19.44 21.48
CA LEU B 135 24.60 18.77 20.63
C LEU B 135 23.74 19.72 19.80
N THR B 136 24.01 21.02 19.87
CA THR B 136 23.40 21.99 18.94
C THR B 136 24.03 21.86 17.55
N ASP B 137 25.11 21.06 17.50
CA ASP B 137 25.91 20.91 16.30
C ASP B 137 25.58 19.58 15.60
N THR B 138 25.13 19.68 14.36
CA THR B 138 24.63 18.52 13.63
C THR B 138 25.67 17.39 13.50
N GLN B 139 26.92 17.75 13.21
CA GLN B 139 27.98 16.74 13.10
C GLN B 139 28.24 15.99 14.41
N ASN B 140 28.20 16.71 15.54
CA ASN B 140 28.25 16.09 16.87
C ASN B 140 27.08 15.15 17.08
N ALA B 141 25.88 15.61 16.72
CA ALA B 141 24.71 14.77 16.87
C ALA B 141 24.87 13.48 16.07
N ILE B 142 25.30 13.61 14.81
CA ILE B 142 25.38 12.48 13.89
C ILE B 142 26.32 11.39 14.40
N ALA B 143 27.54 11.78 14.73
CA ALA B 143 28.49 10.83 15.30
C ALA B 143 27.94 10.15 16.57
N SER B 144 27.28 10.91 17.42
CA SER B 144 26.77 10.39 18.69
C SER B 144 25.74 9.29 18.47
N PHE B 145 24.80 9.57 17.58
CA PHE B 145 23.73 8.62 17.37
C PHE B 145 24.08 7.45 16.45
N ARG B 146 25.10 7.61 15.63
CA ARG B 146 25.65 6.45 14.98
C ARG B 146 26.35 5.55 16.02
N ASN B 147 26.93 6.16 17.05
CA ASN B 147 27.47 5.33 18.13
C ASN B 147 26.38 4.65 18.97
N ILE B 148 25.29 5.36 19.25
CA ILE B 148 24.18 4.79 20.03
C ILE B 148 23.58 3.57 19.35
N ILE B 149 23.36 3.66 18.03
CA ILE B 149 22.87 2.51 17.26
C ILE B 149 23.76 1.30 17.48
N GLN B 150 25.08 1.47 17.34
CA GLN B 150 25.98 0.32 17.54
C GLN B 150 25.98 -0.20 18.97
N LEU B 151 25.84 0.69 19.95
CA LEU B 151 25.71 0.26 21.33
C LEU B 151 24.44 -0.57 21.46
N ALA B 152 23.35 -0.08 20.86
CA ALA B 152 22.10 -0.84 20.91
C ALA B 152 22.29 -2.23 20.30
N ASN B 153 23.01 -2.34 19.18
CA ASN B 153 23.35 -3.66 18.61
C ASN B 153 24.17 -4.59 19.48
N ALA B 154 25.00 -4.03 20.36
CA ALA B 154 25.71 -4.88 21.30
C ALA B 154 25.01 -4.97 22.67
N TYR B 155 23.70 -4.67 22.69
CA TYR B 155 22.85 -4.75 23.89
C TYR B 155 23.34 -3.94 25.10
N ARG B 156 24.05 -2.84 24.84
CA ARG B 156 24.59 -2.05 25.94
C ARG B 156 23.60 -1.00 26.44
N PHE B 157 22.45 -1.47 26.92
CA PHE B 157 21.37 -0.56 27.31
C PHE B 157 21.77 0.38 28.46
N ASP B 158 22.54 -0.14 29.42
CA ASP B 158 23.03 0.69 30.50
C ASP B 158 24.00 1.79 30.06
N VAL B 159 24.90 1.49 29.10
CA VAL B 159 25.77 2.54 28.56
C VAL B 159 24.93 3.61 27.90
N ILE B 160 23.92 3.18 27.18
CA ILE B 160 23.03 4.12 26.50
C ILE B 160 22.32 5.09 27.46
N ILE B 161 21.74 4.55 28.52
CA ILE B 161 21.14 5.39 29.56
C ILE B 161 22.13 6.47 30.07
N GLU B 162 23.35 6.04 30.39
CA GLU B 162 24.37 6.98 30.81
C GLU B 162 24.58 8.05 29.77
N CYS B 163 24.73 7.66 28.50
CA CYS B 163 24.91 8.63 27.43
C CYS B 163 23.74 9.62 27.31
N ILE B 164 22.51 9.13 27.41
CA ILE B 164 21.32 9.99 27.35
C ILE B 164 21.36 11.04 28.48
N ILE B 165 21.82 10.63 29.66
CA ILE B 165 21.89 11.54 30.80
C ILE B 165 22.84 12.69 30.52
N TYR B 166 24.01 12.38 29.94
CA TYR B 166 24.94 13.45 29.60
C TYR B 166 24.39 14.29 28.47
N ALA B 167 23.68 13.63 27.55
CA ALA B 167 23.08 14.35 26.43
C ALA B 167 22.07 15.37 26.93
N ALA B 168 21.19 14.96 27.84
CA ALA B 168 20.20 15.88 28.42
C ALA B 168 20.82 17.06 29.17
N GLU B 169 21.90 16.80 29.89
CA GLU B 169 22.63 17.87 30.55
C GLU B 169 23.32 18.82 29.57
N ASP B 170 23.84 18.32 28.44
CA ASP B 170 24.41 19.24 27.45
C ASP B 170 23.34 20.17 26.90
N LEU B 171 22.19 19.60 26.55
CA LEU B 171 21.09 20.35 25.94
C LEU B 171 20.34 21.21 26.94
N GLY B 172 20.62 21.02 28.24
CA GLY B 172 20.04 21.86 29.29
C GLY B 172 18.54 21.67 29.51
N PHE B 173 18.11 20.41 29.59
CA PHE B 173 16.74 20.12 30.04
C PHE B 173 16.72 19.06 31.13
N ASN B 174 15.61 18.98 31.85
CA ASN B 174 15.46 18.05 32.94
C ASN B 174 14.95 16.70 32.41
N LEU B 175 15.86 15.76 32.27
CA LEU B 175 15.55 14.49 31.63
C LEU B 175 14.46 13.76 32.38
N VAL B 176 14.62 13.69 33.70
CA VAL B 176 13.70 12.93 34.52
C VAL B 176 12.30 13.55 34.45
N ALA B 177 12.23 14.88 34.53
CA ALA B 177 10.95 15.55 34.40
C ALA B 177 10.29 15.25 33.06
N TYR B 178 11.05 15.32 31.96
CA TYR B 178 10.50 14.98 30.64
C TYR B 178 10.06 13.53 30.60
N TYR B 179 10.87 12.65 31.18
CA TYR B 179 10.48 11.25 31.24
C TYR B 179 9.10 11.11 31.84
N ILE B 180 8.88 11.71 33.01
CA ILE B 180 7.59 11.61 33.67
C ILE B 180 6.42 12.08 32.80
N ALA B 181 6.64 13.20 32.11
CA ALA B 181 5.63 13.77 31.24
C ALA B 181 5.31 12.82 30.08
N LYS B 182 6.34 12.29 29.45
CA LYS B 182 6.13 11.43 28.28
C LYS B 182 5.56 10.09 28.72
N HIS B 183 6.02 9.58 29.86
CA HIS B 183 5.45 8.38 30.45
C HIS B 183 3.95 8.54 30.58
N THR B 184 3.52 9.72 31.00
CA THR B 184 2.09 9.97 31.21
C THR B 184 1.35 10.06 29.88
N LEU B 185 1.96 10.69 28.88
CA LEU B 185 1.34 10.73 27.56
C LEU B 185 1.21 9.30 27.03
N ASN B 186 2.27 8.51 27.18
CA ASN B 186 2.27 7.12 26.74
C ASN B 186 1.10 6.33 27.31
N CYS B 187 0.84 6.54 28.61
CA CYS B 187 -0.24 5.84 29.28
C CYS B 187 -1.55 6.31 28.69
N ILE B 188 -1.63 7.62 28.44
CA ILE B 188 -2.84 8.22 27.92
C ILE B 188 -3.17 7.59 26.56
N ARG B 189 -2.17 7.57 25.68
CA ARG B 189 -2.29 6.94 24.37
C ARG B 189 -2.87 5.51 24.44
N GLN B 190 -2.33 4.71 25.36
CA GLN B 190 -2.79 3.32 25.50
C GLN B 190 -4.23 3.26 25.97
N LEU B 191 -4.64 4.23 26.77
CA LEU B 191 -6.06 4.33 27.17
C LEU B 191 -7.00 4.77 26.03
N SER B 192 -6.44 5.43 25.02
CA SER B 192 -7.23 6.10 23.99
C SER B 192 -7.07 5.52 22.57
N GLY B 193 -6.93 4.19 22.46
CA GLY B 193 -6.94 3.50 21.16
C GLY B 193 -5.72 3.66 20.24
N TYR B 194 -4.53 3.74 20.84
CA TYR B 194 -3.31 3.81 20.06
C TYR B 194 -3.12 2.53 19.24
N LYS B 195 -3.41 1.39 19.85
CA LYS B 195 -3.28 0.08 19.21
C LYS B 195 -4.19 -0.16 18.02
N ASP B 196 -5.48 0.12 18.19
CA ASP B 196 -6.47 -0.16 17.15
C ASP B 196 -6.50 0.91 16.04
N GLY B 197 -5.94 2.07 16.34
CA GLY B 197 -5.73 3.12 15.34
C GLY B 197 -6.67 4.30 15.42
N SER B 198 -7.48 4.38 16.47
CA SER B 198 -8.45 5.47 16.61
C SER B 198 -7.87 6.77 17.21
N TYR B 199 -6.65 6.71 17.75
CA TYR B 199 -6.00 7.86 18.38
C TYR B 199 -5.56 8.97 17.41
N VAL B 200 -5.70 10.22 17.84
CA VAL B 200 -5.33 11.39 17.04
C VAL B 200 -4.17 12.16 17.68
N LYS B 201 -2.95 11.94 17.19
CA LYS B 201 -1.73 12.56 17.74
C LYS B 201 -1.61 14.04 17.36
N VAL B 202 -1.83 14.35 16.07
CA VAL B 202 -1.73 15.72 15.57
C VAL B 202 -3.09 16.43 15.61
N ASN B 203 -3.72 16.42 16.78
CA ASN B 203 -5.06 16.99 16.98
C ASN B 203 -5.06 18.51 17.09
N ASN B 204 -6.05 19.14 16.46
CA ASN B 204 -6.27 20.59 16.45
C ASN B 204 -5.19 21.43 15.73
N GLY B 205 -4.03 20.83 15.47
CA GLY B 205 -2.92 21.52 14.80
C GLY B 205 -1.54 21.19 15.35
N VAL B 206 -1.48 20.88 16.64
CA VAL B 206 -0.22 20.54 17.29
C VAL B 206 -0.09 19.04 17.54
N GLU B 207 1.14 18.54 17.43
CA GLU B 207 1.49 17.19 17.87
C GLU B 207 1.31 17.11 19.39
N ASP B 208 0.81 15.99 19.89
CA ASP B 208 0.56 15.81 21.32
C ASP B 208 1.84 15.93 22.17
N ASN B 209 2.96 15.47 21.62
CA ASN B 209 4.30 15.64 22.23
C ASN B 209 4.59 17.09 22.57
N SER B 210 4.24 18.01 21.67
CA SER B 210 4.52 19.43 21.85
C SER B 210 3.83 20.08 23.08
N LEU B 211 2.81 19.43 23.63
CA LEU B 211 2.10 19.97 24.79
C LEU B 211 2.83 19.77 26.10
N LEU B 212 3.74 18.80 26.12
CA LEU B 212 4.51 18.42 27.30
C LEU B 212 5.50 19.49 27.80
N HIS B 213 6.13 20.20 26.87
CA HIS B 213 7.09 21.27 27.19
C HIS B 213 6.57 22.25 28.25
N ASN B 214 5.26 22.52 28.22
CA ASN B 214 4.61 23.42 29.18
C ASN B 214 4.30 22.78 30.52
N CYS B 215 4.18 21.46 30.52
CA CYS B 215 3.86 20.71 31.73
C CYS B 215 5.04 20.58 32.71
N ILE B 216 6.24 20.90 32.24
CA ILE B 216 7.45 20.73 33.05
C ILE B 216 8.23 22.03 33.26
N LYS B 217 7.63 23.16 32.88
CA LYS B 217 8.27 24.47 33.01
C LYS B 217 8.64 24.79 34.47
N ASP B 218 7.80 24.31 35.39
CA ASP B 218 7.96 24.58 36.82
C ASP B 218 9.06 23.77 37.53
N VAL B 219 9.20 22.48 37.19
CA VAL B 219 10.06 21.55 37.95
C VAL B 219 11.55 21.88 37.91
N SER B 220 12.24 21.61 39.02
CA SER B 220 13.70 21.80 39.08
C SER B 220 14.50 20.49 39.07
N LEU B 221 15.77 20.60 38.68
CA LEU B 221 16.72 19.49 38.66
C LEU B 221 16.75 18.76 40.00
N ASP B 222 17.04 19.51 41.07
CA ASP B 222 17.01 18.98 42.44
C ASP B 222 15.62 18.46 42.81
N GLU B 223 14.58 19.27 42.57
CA GLU B 223 13.21 18.93 42.96
C GLU B 223 12.75 17.55 42.52
N VAL B 224 13.28 17.09 41.39
CA VAL B 224 12.78 15.88 40.76
C VAL B 224 13.63 14.64 41.15
N LEU B 225 14.75 14.91 41.82
CA LEU B 225 15.66 13.88 42.33
C LEU B 225 15.76 13.83 43.86
N ASP B 226 15.22 14.85 44.54
CA ASP B 226 15.36 14.97 45.99
C ASP B 226 14.41 13.95 46.65
N ALA B 227 14.99 13.03 47.43
CA ALA B 227 14.26 11.90 48.03
C ALA B 227 13.05 12.33 48.86
N ASP B 228 13.08 13.59 49.33
CA ASP B 228 11.98 14.22 50.05
C ASP B 228 10.87 14.75 49.16
N LYS B 229 11.24 15.32 48.01
CA LYS B 229 10.28 16.07 47.20
C LYS B 229 9.82 15.37 45.92
N TYR B 230 10.40 14.23 45.59
CA TYR B 230 10.28 13.71 44.24
C TYR B 230 8.93 13.10 43.88
N VAL B 231 8.35 12.33 44.80
CA VAL B 231 7.04 11.77 44.56
C VAL B 231 6.01 12.88 44.26
N GLN B 232 6.03 13.95 45.06
CA GLN B 232 5.12 15.09 44.85
C GLN B 232 5.44 15.81 43.54
N ALA B 233 6.72 15.95 43.26
CA ALA B 233 7.16 16.63 42.06
C ALA B 233 6.73 15.82 40.84
N TRP B 234 6.89 14.49 40.91
CA TRP B 234 6.46 13.61 39.81
C TRP B 234 4.94 13.68 39.64
N ASN B 235 4.22 13.72 40.76
CA ASN B 235 2.76 13.72 40.74
C ASN B 235 2.17 14.96 40.10
N SER B 236 2.78 16.11 40.35
CA SER B 236 2.27 17.35 39.75
C SER B 236 2.52 17.36 38.25
N ILE B 237 3.64 16.77 37.83
CA ILE B 237 3.93 16.57 36.41
C ILE B 237 2.86 15.67 35.77
N MET B 238 2.60 14.52 36.37
CA MET B 238 1.55 13.63 35.87
C MET B 238 0.22 14.41 35.78
N ALA B 239 -0.14 15.10 36.85
CA ALA B 239 -1.38 15.87 36.89
C ALA B 239 -1.48 16.89 35.74
N ASN B 240 -0.43 17.65 35.52
CA ASN B 240 -0.36 18.63 34.41
C ASN B 240 -0.64 17.99 33.04
N VAL B 241 0.00 16.85 32.78
CA VAL B 241 -0.20 16.13 31.53
C VAL B 241 -1.64 15.59 31.45
N TYR B 242 -2.10 14.91 32.51
CA TYR B 242 -3.47 14.40 32.54
C TYR B 242 -4.49 15.50 32.28
N GLU B 243 -4.37 16.60 33.02
CA GLU B 243 -5.25 17.76 32.87
C GLU B 243 -5.20 18.31 31.43
N ALA B 244 -4.01 18.39 30.84
CA ALA B 244 -3.88 18.92 29.48
C ALA B 244 -4.67 18.11 28.46
N PHE B 245 -4.69 16.79 28.64
CA PHE B 245 -5.40 15.90 27.70
C PHE B 245 -6.85 15.60 28.11
N GLN B 246 -7.33 16.37 29.09
CA GLN B 246 -8.69 16.25 29.64
C GLN B 246 -9.03 14.82 30.07
N ILE B 247 -8.10 14.21 30.80
CA ILE B 247 -8.30 12.84 31.27
C ILE B 247 -9.00 12.82 32.62
N LYS B 248 -10.11 12.08 32.69
CA LYS B 248 -10.88 11.96 33.93
C LYS B 248 -10.05 11.34 35.07
N GLU B 249 -10.43 11.70 36.30
CA GLU B 249 -9.74 11.29 37.52
C GLU B 249 -9.61 9.78 37.70
N SER B 250 -10.69 9.07 37.38
CA SER B 250 -10.76 7.62 37.56
C SER B 250 -9.76 6.84 36.72
N ASP B 251 -9.30 7.45 35.63
CA ASP B 251 -8.36 6.82 34.70
C ASP B 251 -6.90 7.16 35.02
N ARG B 252 -6.70 8.13 35.91
CA ARG B 252 -5.36 8.58 36.28
C ARG B 252 -4.67 7.59 37.22
N LYS B 253 -3.34 7.62 37.23
CA LYS B 253 -2.56 6.94 38.26
C LYS B 253 -1.56 7.91 38.84
N ASP B 254 -1.21 7.74 40.11
CA ASP B 254 -0.17 8.56 40.75
C ASP B 254 1.10 7.72 40.88
N ALA B 255 2.23 8.36 41.15
CA ALA B 255 3.48 7.61 41.29
C ALA B 255 3.37 6.45 42.30
N GLU B 256 2.71 6.68 43.44
CA GLU B 256 2.66 5.63 44.47
C GLU B 256 1.90 4.37 44.01
N ARG B 257 0.84 4.56 43.22
CA ARG B 257 0.12 3.43 42.64
C ARG B 257 1.03 2.60 41.71
N TRP B 258 1.88 3.28 40.95
CA TRP B 258 2.85 2.57 40.12
C TRP B 258 3.85 1.77 40.96
N PHE B 259 4.34 2.37 42.05
CA PHE B 259 5.20 1.64 42.97
C PHE B 259 4.48 0.43 43.57
N ALA B 260 3.22 0.63 43.95
CA ALA B 260 2.43 -0.46 44.53
C ALA B 260 2.22 -1.59 43.51
N LEU B 261 1.89 -1.23 42.27
CA LEU B 261 1.67 -2.25 41.22
C LEU B 261 2.94 -3.04 40.91
N ALA B 262 4.08 -2.36 40.91
CA ALA B 262 5.37 -3.02 40.69
C ALA B 262 5.74 -3.98 41.81
N LYS B 263 5.55 -3.52 43.06
CA LYS B 263 5.86 -4.35 44.23
C LYS B 263 4.93 -5.55 44.30
N GLU B 264 3.65 -5.31 44.03
CA GLU B 264 2.66 -6.38 43.99
C GLU B 264 3.07 -7.45 42.96
N ASN B 265 3.57 -7.00 41.82
CA ASN B 265 4.09 -7.90 40.79
C ASN B 265 5.31 -8.75 41.22
N ARG B 266 6.28 -8.13 41.91
CA ARG B 266 7.40 -8.91 42.43
C ARG B 266 6.96 -9.74 43.65
N LEU B 267 6.39 -10.91 43.35
CA LEU B 267 5.84 -11.83 44.36
C LEU B 267 5.49 -13.20 43.76
N ASN C 11 -16.47 14.73 11.16
CA ASN C 11 -16.47 14.37 9.71
C ASN C 11 -16.80 15.59 8.83
N ILE C 12 -17.47 15.34 7.69
CA ILE C 12 -17.78 16.41 6.72
C ILE C 12 -19.20 17.00 6.90
N PRO C 13 -19.35 18.34 6.71
CA PRO C 13 -20.63 19.01 6.98
C PRO C 13 -21.75 18.70 5.98
N GLY C 14 -22.96 18.52 6.50
CA GLY C 14 -24.16 18.30 5.70
C GLY C 14 -24.34 19.31 4.58
N ALA C 15 -24.14 20.59 4.90
CA ALA C 15 -24.36 21.66 3.92
C ALA C 15 -23.42 21.62 2.71
N ILE C 16 -22.18 21.18 2.91
CA ILE C 16 -21.28 21.00 1.78
C ILE C 16 -21.77 19.87 0.83
N LEU C 17 -22.22 18.74 1.38
CA LEU C 17 -22.72 17.66 0.50
C LEU C 17 -23.85 18.19 -0.36
N HIS C 18 -24.75 18.90 0.28
CA HIS C 18 -25.84 19.57 -0.43
C HIS C 18 -25.31 20.35 -1.61
N SER C 19 -24.22 21.09 -1.39
CA SER C 19 -23.62 21.90 -2.45
C SER C 19 -22.87 21.10 -3.52
N LEU C 20 -22.13 20.06 -3.11
CA LEU C 20 -21.59 19.04 -4.05
C LEU C 20 -22.67 18.46 -4.96
N ALA C 21 -23.83 18.15 -4.39
CA ALA C 21 -24.94 17.56 -5.15
C ALA C 21 -25.36 18.50 -6.29
N GLU C 22 -25.21 19.80 -6.04
CA GLU C 22 -25.51 20.80 -7.03
C GLU C 22 -24.47 20.82 -8.18
N LEU C 23 -23.19 20.59 -7.89
CA LEU C 23 -22.20 20.48 -8.99
C LEU C 23 -22.38 19.18 -9.78
N GLN C 24 -22.77 18.10 -9.10
CA GLN C 24 -22.99 16.82 -9.78
C GLN C 24 -24.12 16.97 -10.78
N ASP C 25 -25.20 17.63 -10.32
CA ASP C 25 -26.38 17.94 -11.11
C ASP C 25 -26.00 18.68 -12.38
N GLY C 26 -25.09 19.63 -12.25
CA GLY C 26 -24.68 20.45 -13.38
C GLY C 26 -23.91 19.64 -14.37
N LEU C 27 -22.99 18.82 -13.86
CA LEU C 27 -22.23 17.91 -14.71
C LEU C 27 -23.15 16.93 -15.43
N ASN C 28 -24.11 16.37 -14.71
CA ASN C 28 -25.04 15.43 -15.32
C ASN C 28 -25.81 16.10 -16.47
N ALA C 29 -26.23 17.35 -16.25
CA ALA C 29 -26.93 18.14 -17.28
C ALA C 29 -26.07 18.41 -18.52
N MET C 30 -24.77 18.56 -18.31
CA MET C 30 -23.83 18.76 -19.41
C MET C 30 -23.79 17.53 -20.33
N ILE C 31 -23.91 16.35 -19.73
CA ILE C 31 -23.94 15.09 -20.46
C ILE C 31 -25.28 14.87 -21.20
N ASP C 32 -26.39 15.07 -20.49
CA ASP C 32 -27.73 15.08 -21.10
C ASP C 32 -28.65 15.98 -20.31
N PRO C 33 -29.18 17.03 -20.95
CA PRO C 33 -30.19 17.85 -20.28
C PRO C 33 -31.35 16.96 -19.89
N SER C 34 -32.02 17.31 -18.79
CA SER C 34 -33.08 16.48 -18.22
C SER C 34 -32.62 15.02 -18.11
N TRP C 35 -31.51 14.82 -17.41
CA TRP C 35 -30.96 13.50 -17.18
C TRP C 35 -31.82 12.72 -16.21
N ARG C 36 -32.51 13.45 -15.31
CA ARG C 36 -33.40 12.81 -14.37
C ARG C 36 -34.44 11.97 -15.10
N ALA C 37 -34.87 12.47 -16.27
CA ALA C 37 -35.89 11.80 -17.07
C ALA C 37 -35.30 10.67 -17.92
N VAL C 38 -34.04 10.81 -18.33
CA VAL C 38 -33.41 9.85 -19.23
C VAL C 38 -32.74 8.67 -18.50
N ARG C 39 -32.06 8.97 -17.39
CA ARG C 39 -31.41 7.97 -16.54
C ARG C 39 -32.41 7.21 -15.67
N SER C 40 -32.07 5.97 -15.32
CA SER C 40 -32.85 5.16 -14.38
C SER C 40 -32.02 5.00 -13.11
N LEU C 41 -32.68 4.62 -12.01
CA LEU C 41 -31.97 4.24 -10.79
C LEU C 41 -30.92 3.13 -11.01
N ASP C 42 -31.30 2.10 -11.79
CA ASP C 42 -30.43 0.96 -12.09
C ASP C 42 -29.16 1.42 -12.80
N ASN C 43 -29.26 2.39 -13.71
CA ASN C 43 -28.07 2.96 -14.35
C ASN C 43 -27.02 3.29 -13.28
N TRP C 44 -27.42 4.01 -12.23
CA TRP C 44 -26.45 4.50 -11.25
C TRP C 44 -25.92 3.32 -10.44
N ALA C 45 -26.82 2.39 -10.11
CA ALA C 45 -26.45 1.22 -9.32
C ALA C 45 -25.44 0.39 -10.09
N LEU C 46 -25.68 0.22 -11.39
CA LEU C 46 -24.74 -0.48 -12.29
C LEU C 46 -23.38 0.19 -12.31
N ALA C 47 -23.37 1.51 -12.46
CA ALA C 47 -22.10 2.23 -12.57
C ALA C 47 -21.23 2.04 -11.33
N ILE C 48 -21.88 2.09 -10.17
CA ILE C 48 -21.21 1.86 -8.89
C ILE C 48 -20.64 0.44 -8.82
N THR C 49 -21.40 -0.51 -9.36
CA THR C 49 -20.98 -1.92 -9.36
C THR C 49 -19.72 -2.01 -10.22
N MET C 50 -19.78 -1.39 -11.40
CA MET C 50 -18.68 -1.46 -12.34
C MET C 50 -17.44 -0.78 -11.78
N GLU C 51 -17.61 0.40 -11.15
CA GLU C 51 -16.46 1.08 -10.54
C GLU C 51 -15.96 0.36 -9.30
N SER C 52 -16.86 -0.27 -8.53
CA SER C 52 -16.41 -1.06 -7.36
C SER C 52 -15.45 -2.21 -7.77
N THR C 53 -15.68 -2.83 -8.91
CA THR C 53 -14.76 -3.89 -9.32
C THR C 53 -13.50 -3.30 -9.95
N GLU C 54 -13.61 -2.13 -10.60
CA GLU C 54 -12.41 -1.45 -11.08
C GLU C 54 -11.54 -1.09 -9.91
N LEU C 55 -12.17 -0.74 -8.81
CA LEU C 55 -11.42 -0.35 -7.64
C LEU C 55 -10.70 -1.58 -7.09
N LEU C 56 -11.42 -2.71 -6.97
CA LEU C 56 -10.79 -3.93 -6.45
C LEU C 56 -9.68 -4.44 -7.33
N ASP C 57 -9.81 -4.19 -8.63
CA ASP C 57 -8.81 -4.61 -9.58
C ASP C 57 -7.53 -3.80 -9.44
N SER C 58 -7.57 -2.72 -8.67
CA SER C 58 -6.33 -2.03 -8.22
C SER C 58 -5.53 -2.81 -7.17
N TYR C 59 -6.09 -3.89 -6.61
CA TYR C 59 -5.42 -4.65 -5.58
C TYR C 59 -4.93 -5.98 -6.17
N PRO C 60 -3.87 -6.54 -5.58
CA PRO C 60 -3.42 -7.85 -6.06
C PRO C 60 -4.35 -8.97 -5.56
N TRP C 61 -5.56 -9.08 -6.09
CA TRP C 61 -6.51 -10.06 -5.58
C TRP C 61 -6.35 -11.46 -6.18
N LYS C 62 -5.69 -11.54 -7.33
CA LYS C 62 -5.56 -12.78 -8.07
C LYS C 62 -4.52 -13.67 -7.44
N TRP C 63 -4.87 -14.92 -7.12
CA TRP C 63 -3.92 -15.84 -6.48
C TRP C 63 -3.13 -16.68 -7.45
N TRP C 64 -3.38 -16.48 -8.75
CA TRP C 64 -2.75 -17.31 -9.77
C TRP C 64 -1.87 -16.53 -10.72
N LYS C 65 -1.74 -15.23 -10.45
CA LYS C 65 -1.12 -14.31 -11.38
C LYS C 65 -0.55 -13.11 -10.60
N ASN C 66 0.66 -12.68 -10.93
CA ASN C 66 1.19 -11.38 -10.45
C ASN C 66 1.22 -11.32 -8.94
N LEU C 67 1.89 -12.29 -8.35
CA LEU C 67 1.82 -12.51 -6.93
C LEU C 67 2.55 -11.48 -6.07
N ASN C 68 3.50 -10.76 -6.67
CA ASN C 68 4.28 -9.78 -5.96
C ASN C 68 3.75 -8.35 -6.16
N ALA C 69 2.67 -8.17 -6.90
CA ALA C 69 2.16 -6.82 -7.11
C ALA C 69 1.67 -6.15 -5.81
N THR C 70 1.76 -4.81 -5.78
CA THR C 70 1.31 -3.98 -4.65
C THR C 70 0.07 -3.18 -5.04
N PRO C 71 -0.80 -2.91 -4.06
CA PRO C 71 -2.01 -2.16 -4.43
C PRO C 71 -1.71 -0.81 -5.12
N ASP C 72 -2.54 -0.46 -6.10
CA ASP C 72 -2.42 0.82 -6.78
C ASP C 72 -3.38 1.82 -6.11
N LEU C 73 -2.92 2.39 -4.99
CA LEU C 73 -3.74 3.26 -4.14
C LEU C 73 -4.02 4.60 -4.81
N ALA C 74 -3.10 5.05 -5.65
CA ALA C 74 -3.35 6.21 -6.48
C ALA C 74 -4.64 5.96 -7.30
N ASN C 75 -4.77 4.79 -7.92
CA ASN C 75 -5.99 4.49 -8.70
C ASN C 75 -7.23 4.32 -7.86
N VAL C 76 -7.07 3.74 -6.67
CA VAL C 76 -8.19 3.59 -5.74
C VAL C 76 -8.84 4.97 -5.40
N ARG C 77 -8.03 6.02 -5.22
CA ARG C 77 -8.60 7.33 -4.91
C ARG C 77 -9.54 7.78 -6.00
N ILE C 78 -9.08 7.64 -7.25
CA ILE C 78 -9.84 8.08 -8.40
C ILE C 78 -11.15 7.32 -8.48
N GLU C 79 -11.09 6.02 -8.22
CA GLU C 79 -12.26 5.16 -8.31
C GLU C 79 -13.27 5.47 -7.24
N LEU C 80 -12.79 5.68 -6.02
CA LEU C 80 -13.67 6.07 -4.94
C LEU C 80 -14.40 7.35 -5.34
N VAL C 81 -13.69 8.28 -5.96
CA VAL C 81 -14.29 9.56 -6.38
C VAL C 81 -15.34 9.34 -7.46
N ASP C 82 -15.06 8.42 -8.37
CA ASP C 82 -16.04 8.05 -9.38
C ASP C 82 -17.30 7.48 -8.76
N ILE C 83 -17.12 6.53 -7.86
CA ILE C 83 -18.26 5.98 -7.13
C ILE C 83 -19.02 7.12 -6.43
N PHE C 84 -18.27 8.06 -5.88
CA PHE C 84 -18.90 9.26 -5.29
C PHE C 84 -19.83 9.99 -6.27
N HIS C 85 -19.34 10.30 -7.49
CA HIS C 85 -20.19 10.92 -8.52
C HIS C 85 -21.47 10.13 -8.75
N PHE C 86 -21.34 8.81 -8.84
CA PHE C 86 -22.48 7.98 -9.22
C PHE C 86 -23.42 7.86 -8.06
N SER C 87 -22.88 7.84 -6.85
CA SER C 87 -23.73 7.78 -5.68
C SER C 87 -24.48 9.10 -5.46
N LEU C 88 -23.80 10.23 -5.65
CA LEU C 88 -24.50 11.52 -5.53
C LEU C 88 -25.63 11.57 -6.53
N SER C 89 -25.32 11.15 -7.76
CA SER C 89 -26.33 11.05 -8.81
C SER C 89 -27.49 10.16 -8.38
N GLY C 90 -27.17 9.02 -7.78
CA GLY C 90 -28.20 8.06 -7.37
C GLY C 90 -29.11 8.60 -6.29
N ALA C 91 -28.53 9.29 -5.31
CA ALA C 91 -29.30 9.90 -4.22
C ALA C 91 -30.27 10.94 -4.76
N MET C 92 -29.79 11.76 -5.70
CA MET C 92 -30.66 12.76 -6.34
C MET C 92 -31.78 12.05 -7.07
N GLN C 93 -31.41 11.08 -7.92
CA GLN C 93 -32.38 10.33 -8.68
C GLN C 93 -33.50 9.79 -7.79
N MET C 94 -33.14 9.23 -6.63
CA MET C 94 -34.15 8.77 -5.66
C MET C 94 -35.09 9.89 -5.23
N ARG C 95 -34.54 11.06 -4.89
CA ARG C 95 -35.40 12.18 -4.46
C ARG C 95 -36.31 12.67 -5.58
N SER C 96 -35.91 12.46 -6.84
CA SER C 96 -36.75 12.87 -7.98
C SER C 96 -37.69 11.77 -8.46
N THR C 97 -37.61 10.59 -7.85
CA THR C 97 -38.41 9.46 -8.26
C THR C 97 -39.75 9.44 -7.52
N PRO C 98 -40.88 9.42 -8.26
CA PRO C 98 -42.17 9.41 -7.59
C PRO C 98 -42.28 8.24 -6.64
N ASP C 99 -43.00 8.43 -5.53
CA ASP C 99 -43.08 7.44 -4.47
C ASP C 99 -43.54 6.06 -4.91
N ASP C 100 -44.49 5.98 -5.84
CA ASP C 100 -45.01 4.67 -6.29
C ASP C 100 -44.11 3.96 -7.30
N GLU C 101 -43.00 4.61 -7.65
CA GLU C 101 -41.97 3.99 -8.51
C GLU C 101 -40.67 3.76 -7.75
N ILE C 102 -40.73 3.91 -6.43
CA ILE C 102 -39.60 3.63 -5.53
C ILE C 102 -39.51 2.13 -5.26
N PRO C 103 -38.36 1.51 -5.57
CA PRO C 103 -38.15 0.07 -5.35
C PRO C 103 -38.19 -0.34 -3.88
N ALA C 104 -39.02 -1.34 -3.57
CA ALA C 104 -39.22 -1.85 -2.22
C ALA C 104 -37.90 -2.17 -1.49
N ALA C 105 -36.94 -2.70 -2.21
CA ALA C 105 -35.63 -2.97 -1.65
C ALA C 105 -35.11 -1.79 -0.81
N SER C 106 -35.31 -0.56 -1.30
CA SER C 106 -34.70 0.62 -0.66
C SER C 106 -35.36 0.98 0.67
N LEU C 107 -36.55 0.47 0.91
CA LEU C 107 -37.30 0.79 2.12
C LEU C 107 -37.17 -0.25 3.23
N LYS C 108 -36.44 -1.33 2.95
CA LYS C 108 -36.36 -2.43 3.90
C LYS C 108 -35.13 -2.23 4.79
N PRO C 109 -35.17 -2.75 6.03
CA PRO C 109 -33.99 -2.70 6.89
C PRO C 109 -32.78 -3.27 6.16
N LEU C 110 -31.61 -2.70 6.37
CA LEU C 110 -30.41 -3.15 5.72
C LEU C 110 -30.12 -4.65 5.80
N LYS C 111 -30.33 -5.25 6.98
CA LYS C 111 -29.99 -6.66 7.19
C LYS C 111 -30.79 -7.60 6.27
N GLU C 112 -31.94 -7.14 5.77
CA GLU C 112 -32.77 -7.92 4.86
C GLU C 112 -32.35 -7.82 3.39
N VAL C 113 -31.44 -6.92 3.05
CA VAL C 113 -31.07 -6.72 1.64
C VAL C 113 -29.60 -6.99 1.38
N MET C 114 -28.90 -7.40 2.43
CA MET C 114 -27.54 -7.81 2.23
C MET C 114 -26.96 -8.87 3.16
N THR C 115 -25.95 -9.54 2.63
CA THR C 115 -25.09 -10.40 3.40
C THR C 115 -23.85 -9.57 3.65
N THR C 116 -23.50 -9.41 4.91
CA THR C 116 -22.39 -8.53 5.22
C THR C 116 -21.14 -9.39 5.24
N PHE C 117 -20.28 -9.16 4.27
CA PHE C 117 -19.02 -9.86 4.22
C PHE C 117 -18.03 -9.21 5.18
N LEU C 118 -17.21 -10.05 5.80
CA LEU C 118 -16.30 -9.66 6.86
C LEU C 118 -14.97 -10.25 6.50
N PRO C 119 -13.89 -9.47 6.62
CA PRO C 119 -12.61 -10.09 6.37
C PRO C 119 -12.35 -11.13 7.45
N ALA C 120 -11.43 -12.06 7.20
CA ALA C 120 -11.11 -13.08 8.19
C ALA C 120 -10.29 -12.48 9.34
N LYS C 121 -9.36 -11.60 9.02
CA LYS C 121 -8.44 -11.09 10.05
C LYS C 121 -9.07 -10.01 10.92
N GLU C 122 -8.45 -9.74 12.06
CA GLU C 122 -8.88 -8.67 12.97
C GLU C 122 -8.75 -7.32 12.27
N CYS C 123 -9.80 -6.51 12.37
CA CYS C 123 -9.77 -5.19 11.74
C CYS C 123 -10.76 -4.28 12.47
N THR C 124 -10.88 -3.05 12.01
CA THR C 124 -11.92 -2.14 12.51
C THR C 124 -12.78 -1.81 11.31
N SER C 125 -13.91 -1.17 11.53
CA SER C 125 -14.85 -0.88 10.47
C SER C 125 -15.43 0.53 10.60
N ASP C 126 -16.13 0.98 9.55
CA ASP C 126 -16.94 2.18 9.62
C ASP C 126 -18.10 1.96 10.63
N PRO C 127 -18.91 3.00 10.88
CA PRO C 127 -20.05 2.82 11.80
C PRO C 127 -21.07 1.72 11.41
N TYR C 128 -21.33 1.52 10.12
CA TYR C 128 -22.31 0.48 9.73
C TYR C 128 -21.73 -0.93 9.80
N GLY C 129 -20.40 -1.02 9.83
CA GLY C 129 -19.72 -2.31 9.81
C GLY C 129 -19.74 -2.92 8.42
N PHE C 130 -19.66 -2.06 7.40
CA PHE C 130 -19.65 -2.49 6.00
C PHE C 130 -18.31 -2.32 5.30
N VAL C 131 -17.46 -1.45 5.85
CA VAL C 131 -16.17 -1.12 5.24
C VAL C 131 -15.11 -1.29 6.32
N PHE C 132 -13.92 -1.75 5.93
CA PHE C 132 -12.96 -2.33 6.88
C PHE C 132 -11.58 -1.75 6.70
N PHE C 133 -10.93 -1.49 7.83
CA PHE C 133 -9.68 -0.78 7.82
C PHE C 133 -8.60 -1.64 8.45
N PRO C 134 -7.35 -1.49 8.00
CA PRO C 134 -6.94 -0.51 6.99
C PRO C 134 -7.27 -0.94 5.55
N LEU C 135 -7.70 0.01 4.72
CA LEU C 135 -7.95 -0.28 3.32
C LEU C 135 -6.69 -0.47 2.44
N THR C 136 -5.49 -0.38 3.03
CA THR C 136 -4.29 -0.83 2.34
C THR C 136 -4.28 -2.37 2.20
N ASP C 137 -5.16 -3.04 2.93
CA ASP C 137 -5.19 -4.47 2.97
C ASP C 137 -6.20 -5.01 1.95
N THR C 138 -5.74 -5.91 1.10
CA THR C 138 -6.54 -6.49 0.00
C THR C 138 -7.85 -7.12 0.49
N GLN C 139 -7.78 -7.98 1.51
CA GLN C 139 -9.01 -8.62 2.01
C GLN C 139 -9.95 -7.57 2.65
N ASN C 140 -9.42 -6.53 3.31
CA ASN C 140 -10.35 -5.52 3.84
C ASN C 140 -11.06 -4.80 2.69
N ALA C 141 -10.33 -4.48 1.64
CA ALA C 141 -10.95 -3.79 0.51
C ALA C 141 -12.00 -4.67 -0.15
N ILE C 142 -11.65 -5.95 -0.38
CA ILE C 142 -12.55 -6.89 -1.03
C ILE C 142 -13.87 -6.98 -0.28
N ALA C 143 -13.83 -7.24 1.03
CA ALA C 143 -15.09 -7.39 1.77
C ALA C 143 -15.83 -6.05 1.75
N SER C 144 -15.07 -4.94 1.84
CA SER C 144 -15.70 -3.61 1.84
C SER C 144 -16.55 -3.40 0.62
N PHE C 145 -15.96 -3.63 -0.55
CA PHE C 145 -16.62 -3.35 -1.84
C PHE C 145 -17.57 -4.43 -2.33
N ARG C 146 -17.44 -5.65 -1.84
CA ARG C 146 -18.56 -6.58 -2.06
C ARG C 146 -19.77 -6.09 -1.29
N ASN C 147 -19.57 -5.40 -0.17
CA ASN C 147 -20.72 -4.91 0.58
C ASN C 147 -21.31 -3.70 -0.15
N ILE C 148 -20.44 -2.87 -0.70
CA ILE C 148 -20.89 -1.67 -1.43
C ILE C 148 -21.82 -2.06 -2.60
N ILE C 149 -21.38 -3.03 -3.39
CA ILE C 149 -22.20 -3.52 -4.51
C ILE C 149 -23.58 -3.89 -4.03
N GLN C 150 -23.68 -4.62 -2.92
CA GLN C 150 -25.03 -4.99 -2.46
C GLN C 150 -25.82 -3.77 -2.04
N LEU C 151 -25.15 -2.78 -1.42
CA LEU C 151 -25.84 -1.53 -1.08
C LEU C 151 -26.37 -0.89 -2.35
N ALA C 152 -25.56 -0.90 -3.41
CA ALA C 152 -26.05 -0.36 -4.69
C ALA C 152 -27.25 -1.17 -5.20
N ASN C 153 -27.24 -2.49 -5.04
CA ASN C 153 -28.42 -3.29 -5.45
C ASN C 153 -29.71 -2.92 -4.74
N ALA C 154 -29.58 -2.44 -3.50
CA ALA C 154 -30.77 -2.07 -2.71
C ALA C 154 -31.01 -0.56 -2.76
N TYR C 155 -30.34 0.09 -3.71
CA TYR C 155 -30.51 1.51 -3.99
C TYR C 155 -30.15 2.43 -2.81
N ARG C 156 -29.19 2.00 -2.00
CA ARG C 156 -28.82 2.73 -0.79
C ARG C 156 -27.66 3.69 -1.04
N PHE C 157 -27.89 4.66 -1.91
CA PHE C 157 -26.81 5.56 -2.34
C PHE C 157 -26.31 6.42 -1.17
N ASP C 158 -27.26 6.80 -0.33
CA ASP C 158 -27.08 7.49 0.93
C ASP C 158 -26.05 6.80 1.81
N VAL C 159 -26.30 5.53 2.11
CA VAL C 159 -25.34 4.73 2.86
C VAL C 159 -24.00 4.63 2.15
N ILE C 160 -23.99 4.38 0.84
CA ILE C 160 -22.71 4.34 0.12
C ILE C 160 -21.90 5.64 0.36
N ILE C 161 -22.55 6.80 0.19
CA ILE C 161 -21.86 8.08 0.38
C ILE C 161 -21.11 8.11 1.71
N GLU C 162 -21.80 7.74 2.78
CA GLU C 162 -21.19 7.69 4.11
C GLU C 162 -20.01 6.73 4.21
N CYS C 163 -20.13 5.56 3.59
CA CYS C 163 -19.03 4.58 3.63
C CYS C 163 -17.80 5.11 2.90
N ILE C 164 -18.01 5.73 1.74
CA ILE C 164 -16.91 6.25 0.93
C ILE C 164 -16.12 7.28 1.75
N ILE C 165 -16.86 8.16 2.43
CA ILE C 165 -16.27 9.19 3.27
C ILE C 165 -15.35 8.56 4.29
N TYR C 166 -15.80 7.50 4.95
CA TYR C 166 -14.95 6.82 5.92
C TYR C 166 -13.76 6.19 5.25
N ALA C 167 -13.98 5.61 4.07
CA ALA C 167 -12.91 5.03 3.25
C ALA C 167 -11.84 6.05 2.89
N ALA C 168 -12.26 7.21 2.37
CA ALA C 168 -11.33 8.32 2.08
C ALA C 168 -10.53 8.76 3.30
N GLU C 169 -11.19 8.84 4.45
CA GLU C 169 -10.47 9.20 5.68
C GLU C 169 -9.42 8.14 6.05
N ASP C 170 -9.77 6.86 5.95
CA ASP C 170 -8.82 5.80 6.26
C ASP C 170 -7.62 5.78 5.30
N LEU C 171 -7.85 6.05 4.03
CA LEU C 171 -6.77 6.14 3.04
C LEU C 171 -6.01 7.46 3.02
N GLY C 172 -6.46 8.43 3.82
CA GLY C 172 -5.66 9.64 4.07
C GLY C 172 -5.69 10.62 2.91
N PHE C 173 -6.83 10.74 2.24
CA PHE C 173 -6.98 11.83 1.30
C PHE C 173 -8.29 12.57 1.53
N ASN C 174 -8.37 13.75 0.94
CA ASN C 174 -9.53 14.60 1.14
C ASN C 174 -10.47 14.33 0.01
N LEU C 175 -11.56 13.61 0.30
CA LEU C 175 -12.51 13.20 -0.71
C LEU C 175 -13.15 14.36 -1.49
N VAL C 176 -13.43 15.46 -0.81
CA VAL C 176 -14.13 16.56 -1.44
C VAL C 176 -13.18 17.24 -2.41
N ALA C 177 -11.96 17.53 -1.97
CA ALA C 177 -10.96 18.09 -2.86
C ALA C 177 -10.81 17.24 -4.13
N TYR C 178 -10.58 15.94 -3.96
CA TYR C 178 -10.44 15.00 -5.09
C TYR C 178 -11.69 14.98 -5.98
N TYR C 179 -12.88 15.01 -5.38
CA TYR C 179 -14.09 15.13 -6.16
C TYR C 179 -14.06 16.32 -7.12
N ILE C 180 -13.78 17.50 -6.58
CA ILE C 180 -13.71 18.71 -7.37
C ILE C 180 -12.76 18.56 -8.56
N ALA C 181 -11.55 18.03 -8.30
CA ALA C 181 -10.55 17.82 -9.34
C ALA C 181 -11.09 16.92 -10.46
N LYS C 182 -11.73 15.82 -10.10
CA LYS C 182 -12.22 14.88 -11.08
C LYS C 182 -13.45 15.42 -11.82
N HIS C 183 -14.34 16.08 -11.09
CA HIS C 183 -15.43 16.85 -11.69
C HIS C 183 -14.89 17.81 -12.76
N THR C 184 -13.82 18.52 -12.44
CA THR C 184 -13.22 19.42 -13.42
C THR C 184 -12.77 18.68 -14.66
N LEU C 185 -12.06 17.56 -14.44
CA LEU C 185 -11.59 16.74 -15.54
C LEU C 185 -12.76 16.21 -16.37
N ASN C 186 -13.83 15.74 -15.71
CA ASN C 186 -15.02 15.26 -16.41
C ASN C 186 -15.63 16.30 -17.37
N CYS C 187 -15.60 17.57 -16.98
CA CYS C 187 -16.00 18.68 -17.85
C CYS C 187 -15.06 18.83 -19.02
N ILE C 188 -13.75 18.79 -18.74
CA ILE C 188 -12.72 18.93 -19.77
C ILE C 188 -12.95 17.91 -20.88
N ARG C 189 -13.14 16.66 -20.48
CA ARG C 189 -13.48 15.56 -21.36
C ARG C 189 -14.69 15.86 -22.22
N GLN C 190 -15.81 16.17 -21.57
CA GLN C 190 -17.04 16.48 -22.29
C GLN C 190 -16.81 17.61 -23.31
N LEU C 191 -15.97 18.58 -22.95
CA LEU C 191 -15.69 19.73 -23.82
C LEU C 191 -14.79 19.36 -24.99
N SER C 192 -13.99 18.31 -24.83
CA SER C 192 -13.04 17.89 -25.85
C SER C 192 -13.58 16.79 -26.77
N GLY C 193 -14.86 16.44 -26.61
CA GLY C 193 -15.47 15.35 -27.37
C GLY C 193 -15.05 13.99 -26.85
N TYR C 194 -15.64 13.62 -25.70
CA TYR C 194 -15.44 12.33 -25.09
C TYR C 194 -16.53 11.39 -25.57
N LYS C 195 -17.70 11.95 -25.86
CA LYS C 195 -18.83 11.20 -26.44
C LYS C 195 -18.49 10.57 -27.81
N ASP C 196 -17.78 11.31 -28.66
CA ASP C 196 -17.13 10.73 -29.83
C ASP C 196 -15.65 10.52 -29.52
N GLY C 197 -14.90 9.93 -30.46
CA GLY C 197 -13.53 9.49 -30.15
C GLY C 197 -12.46 10.55 -30.04
N SER C 198 -12.82 11.80 -30.35
CA SER C 198 -11.90 12.96 -30.35
C SER C 198 -10.88 12.96 -29.21
N TYR C 199 -11.40 12.97 -27.97
CA TYR C 199 -10.56 13.01 -26.79
C TYR C 199 -10.25 11.61 -26.26
N VAL C 200 -8.96 11.29 -26.15
CA VAL C 200 -8.51 10.02 -25.60
C VAL C 200 -7.91 10.21 -24.19
N LYS C 201 -8.11 9.21 -23.33
CA LYS C 201 -7.77 9.29 -21.91
C LYS C 201 -6.26 9.18 -21.62
N VAL C 202 -5.55 8.38 -22.42
CA VAL C 202 -4.11 8.20 -22.30
C VAL C 202 -3.33 9.01 -23.37
N ASN C 203 -2.56 10.00 -22.95
CA ASN C 203 -1.77 10.84 -23.85
C ASN C 203 -0.31 10.85 -23.48
N ASN C 204 0.56 10.59 -24.46
CA ASN C 204 2.00 10.51 -24.21
C ASN C 204 2.33 9.53 -23.08
N GLY C 205 1.55 8.45 -22.99
CA GLY C 205 1.78 7.41 -22.00
C GLY C 205 1.16 7.59 -20.61
N VAL C 206 0.54 8.74 -20.35
CA VAL C 206 -0.11 8.96 -19.06
C VAL C 206 -1.63 9.13 -19.14
N GLU C 207 -2.33 8.42 -18.26
CA GLU C 207 -3.79 8.52 -18.13
C GLU C 207 -4.14 9.84 -17.45
N ASP C 208 -5.11 10.55 -18.01
CA ASP C 208 -5.50 11.87 -17.49
C ASP C 208 -5.73 11.93 -15.97
N ASN C 209 -6.40 10.92 -15.41
CA ASN C 209 -6.61 10.82 -13.96
C ASN C 209 -5.31 10.92 -13.16
N SER C 210 -4.25 10.27 -13.64
CA SER C 210 -3.02 10.27 -12.88
C SER C 210 -2.52 11.72 -12.62
N LEU C 211 -2.93 12.68 -13.44
CA LEU C 211 -2.44 14.07 -13.36
C LEU C 211 -3.17 14.91 -12.32
N LEU C 212 -4.30 14.39 -11.85
CA LEU C 212 -5.08 15.04 -10.80
C LEU C 212 -4.31 15.08 -9.48
N HIS C 213 -3.48 14.08 -9.21
CA HIS C 213 -2.76 14.06 -7.95
C HIS C 213 -1.86 15.28 -7.72
N ASN C 214 -1.09 15.67 -8.74
CA ASN C 214 -0.15 16.76 -8.61
C ASN C 214 -0.94 18.04 -8.47
N CYS C 215 -2.14 18.05 -9.05
CA CYS C 215 -3.05 19.17 -8.92
C CYS C 215 -3.49 19.37 -7.47
N ILE C 216 -3.82 18.28 -6.78
CA ILE C 216 -4.25 18.37 -5.40
C ILE C 216 -3.07 18.70 -4.49
N LYS C 217 -1.89 18.14 -4.80
CA LYS C 217 -0.68 18.39 -4.02
C LYS C 217 -0.32 19.88 -3.95
N ASP C 218 -0.67 20.58 -5.02
CA ASP C 218 -0.24 21.94 -5.30
C ASP C 218 -1.10 22.99 -4.55
N VAL C 219 -2.39 22.70 -4.38
CA VAL C 219 -3.37 23.65 -3.81
C VAL C 219 -3.47 23.54 -2.29
N SER C 220 -3.99 24.57 -1.65
CA SER C 220 -4.27 24.56 -0.19
C SER C 220 -5.64 23.93 0.08
N LEU C 221 -5.73 23.06 1.10
CA LEU C 221 -7.00 22.30 1.35
C LEU C 221 -7.76 22.72 2.59
N ASP C 222 -7.13 23.51 3.45
CA ASP C 222 -7.89 24.17 4.49
C ASP C 222 -9.00 24.91 3.74
N GLU C 223 -10.19 24.91 4.31
CA GLU C 223 -11.30 25.66 3.69
C GLU C 223 -12.11 24.90 2.64
N VAL C 224 -11.63 23.74 2.23
CA VAL C 224 -12.37 22.95 1.25
C VAL C 224 -13.72 22.47 1.84
N LEU C 225 -13.73 22.30 3.16
CA LEU C 225 -14.89 21.85 3.94
C LEU C 225 -15.44 22.99 4.82
N ASP C 226 -14.96 24.20 4.56
CA ASP C 226 -15.37 25.36 5.36
C ASP C 226 -16.68 25.93 4.82
N ALA C 227 -17.68 26.00 5.69
CA ALA C 227 -19.05 26.42 5.31
C ALA C 227 -19.11 27.84 4.81
N ASP C 228 -18.18 28.68 5.25
CA ASP C 228 -18.10 30.05 4.74
C ASP C 228 -17.32 30.05 3.44
N LYS C 229 -16.12 29.47 3.46
CA LYS C 229 -15.14 29.77 2.41
C LYS C 229 -14.85 28.67 1.36
N TYR C 230 -15.70 27.64 1.30
CA TYR C 230 -15.47 26.51 0.39
C TYR C 230 -15.47 26.89 -1.10
N VAL C 231 -16.35 27.80 -1.49
CA VAL C 231 -16.48 28.19 -2.89
C VAL C 231 -15.15 28.65 -3.51
N GLN C 232 -14.45 29.55 -2.83
CA GLN C 232 -13.15 30.03 -3.30
C GLN C 232 -12.13 28.89 -3.30
N ALA C 233 -12.20 28.04 -2.27
CA ALA C 233 -11.30 26.91 -2.16
C ALA C 233 -11.48 25.93 -3.35
N TRP C 234 -12.73 25.67 -3.73
CA TRP C 234 -13.04 24.80 -4.88
C TRP C 234 -12.61 25.38 -6.22
N ASN C 235 -12.79 26.71 -6.37
CA ASN C 235 -12.40 27.41 -7.58
C ASN C 235 -10.91 27.27 -7.85
N SER C 236 -10.08 27.38 -6.81
CA SER C 236 -8.64 27.22 -6.98
C SER C 236 -8.30 25.81 -7.44
N ILE C 237 -9.01 24.80 -6.93
CA ILE C 237 -8.81 23.44 -7.41
C ILE C 237 -9.20 23.34 -8.90
N MET C 238 -10.39 23.85 -9.23
CA MET C 238 -10.86 23.87 -10.62
C MET C 238 -9.80 24.50 -11.54
N ALA C 239 -9.31 25.67 -11.15
CA ALA C 239 -8.37 26.42 -11.98
C ALA C 239 -7.08 25.65 -12.14
N ASN C 240 -6.64 25.03 -11.05
CA ASN C 240 -5.36 24.35 -11.06
C ASN C 240 -5.39 23.20 -12.09
N VAL C 241 -6.52 22.50 -12.16
CA VAL C 241 -6.74 21.44 -13.14
C VAL C 241 -6.89 21.97 -14.58
N TYR C 242 -7.74 22.98 -14.77
CA TYR C 242 -7.92 23.57 -16.10
C TYR C 242 -6.56 24.03 -16.64
N GLU C 243 -5.78 24.67 -15.76
CA GLU C 243 -4.44 25.16 -16.09
C GLU C 243 -3.50 24.00 -16.47
N ALA C 244 -3.70 22.84 -15.86
CA ALA C 244 -2.86 21.68 -16.12
C ALA C 244 -3.22 21.00 -17.44
N PHE C 245 -4.47 21.15 -17.86
CA PHE C 245 -4.91 20.55 -19.10
C PHE C 245 -4.93 21.52 -20.26
N GLN C 246 -4.37 22.71 -20.04
CA GLN C 246 -4.24 23.76 -21.07
C GLN C 246 -5.59 24.24 -21.60
N ILE C 247 -6.52 24.50 -20.68
CA ILE C 247 -7.86 24.93 -21.08
C ILE C 247 -7.98 26.47 -21.09
N LYS C 248 -8.41 27.02 -22.23
CA LYS C 248 -8.57 28.47 -22.39
C LYS C 248 -9.59 29.03 -21.39
N GLU C 249 -9.33 30.25 -20.92
CA GLU C 249 -10.17 30.89 -19.89
C GLU C 249 -11.67 30.85 -20.22
N SER C 250 -12.00 31.12 -21.49
CA SER C 250 -13.39 31.21 -21.93
C SER C 250 -14.12 29.86 -21.93
N ASP C 251 -13.35 28.79 -21.72
CA ASP C 251 -13.89 27.42 -21.69
C ASP C 251 -14.06 26.90 -20.26
N ARG C 252 -13.50 27.62 -19.30
CA ARG C 252 -13.61 27.23 -17.89
C ARG C 252 -14.99 27.61 -17.35
N LYS C 253 -15.42 26.92 -16.31
CA LYS C 253 -16.59 27.35 -15.56
C LYS C 253 -16.13 27.37 -14.12
N ASP C 254 -16.72 28.24 -13.31
CA ASP C 254 -16.37 28.27 -11.89
C ASP C 254 -17.51 27.68 -11.07
N ALA C 255 -17.33 27.58 -9.76
CA ALA C 255 -18.33 26.94 -8.92
C ALA C 255 -19.68 27.65 -9.03
N GLU C 256 -19.66 28.98 -8.91
CA GLU C 256 -20.88 29.76 -8.98
C GLU C 256 -21.68 29.52 -10.25
N ARG C 257 -21.00 29.37 -11.38
CA ARG C 257 -21.69 29.11 -12.65
C ARG C 257 -22.45 27.78 -12.57
N TRP C 258 -21.84 26.79 -11.92
CA TRP C 258 -22.51 25.51 -11.70
C TRP C 258 -23.71 25.63 -10.77
N PHE C 259 -23.55 26.39 -9.68
CA PHE C 259 -24.69 26.65 -8.79
C PHE C 259 -25.79 27.40 -9.53
N ALA C 260 -25.41 28.44 -10.26
CA ALA C 260 -26.37 29.25 -11.00
C ALA C 260 -27.08 28.40 -12.05
N LEU C 261 -26.32 27.56 -12.74
CA LEU C 261 -26.90 26.68 -13.77
C LEU C 261 -27.88 25.70 -13.13
N ALA C 262 -27.51 25.14 -11.98
CA ALA C 262 -28.35 24.15 -11.30
C ALA C 262 -29.52 24.79 -10.60
N LYS C 263 -29.35 26.03 -10.15
CA LYS C 263 -30.45 26.79 -9.58
C LYS C 263 -31.43 27.18 -10.67
N GLU C 264 -30.91 27.71 -11.78
CA GLU C 264 -31.75 28.12 -12.92
C GLU C 264 -32.52 26.93 -13.50
N ASN C 265 -31.80 25.82 -13.67
CA ASN C 265 -32.38 24.56 -14.15
C ASN C 265 -33.52 24.06 -13.26
N ARG C 266 -33.47 24.41 -11.98
CA ARG C 266 -34.57 24.09 -11.06
C ARG C 266 -35.75 25.05 -11.26
N LEU C 267 -35.46 26.36 -11.24
CA LEU C 267 -36.50 27.40 -11.32
C LEU C 267 -36.99 27.64 -12.74
N ASN D 11 -28.59 -29.49 -21.58
CA ASN D 11 -27.83 -29.56 -20.31
C ASN D 11 -26.39 -29.96 -20.62
N ILE D 12 -25.60 -30.23 -19.59
CA ILE D 12 -24.41 -31.07 -19.74
C ILE D 12 -24.50 -32.27 -18.78
N PRO D 13 -24.33 -33.50 -19.29
CA PRO D 13 -24.55 -34.72 -18.48
C PRO D 13 -23.57 -34.82 -17.31
N GLY D 14 -24.07 -35.31 -16.17
CA GLY D 14 -23.27 -35.51 -14.96
C GLY D 14 -21.96 -36.25 -15.14
N ALA D 15 -21.97 -37.29 -15.95
CA ALA D 15 -20.74 -38.01 -16.30
C ALA D 15 -19.70 -37.06 -16.90
N ILE D 16 -20.14 -36.22 -17.83
CA ILE D 16 -19.26 -35.24 -18.45
C ILE D 16 -18.88 -34.16 -17.45
N LEU D 17 -19.81 -33.81 -16.55
CA LEU D 17 -19.51 -32.80 -15.53
C LEU D 17 -18.41 -33.25 -14.56
N HIS D 18 -18.39 -34.55 -14.23
CA HIS D 18 -17.33 -35.16 -13.42
C HIS D 18 -15.98 -34.97 -14.08
N SER D 19 -15.91 -35.26 -15.37
CA SER D 19 -14.66 -35.16 -16.11
C SER D 19 -14.21 -33.70 -16.17
N LEU D 20 -15.15 -32.81 -16.40
CA LEU D 20 -14.85 -31.40 -16.35
C LEU D 20 -14.28 -31.06 -14.98
N ALA D 21 -14.88 -31.60 -13.92
CA ALA D 21 -14.42 -31.30 -12.56
C ALA D 21 -13.00 -31.83 -12.35
N GLU D 22 -12.67 -32.96 -12.97
CA GLU D 22 -11.33 -33.51 -12.85
C GLU D 22 -10.26 -32.63 -13.50
N LEU D 23 -10.56 -32.08 -14.66
CA LEU D 23 -9.69 -31.07 -15.27
C LEU D 23 -9.53 -29.85 -14.36
N GLN D 24 -10.65 -29.34 -13.85
CA GLN D 24 -10.65 -28.16 -13.02
C GLN D 24 -9.76 -28.38 -11.81
N ASP D 25 -9.91 -29.55 -11.21
CA ASP D 25 -9.15 -29.92 -10.03
C ASP D 25 -7.68 -29.90 -10.36
N GLY D 26 -7.35 -30.41 -11.55
CA GLY D 26 -5.97 -30.50 -12.00
C GLY D 26 -5.35 -29.12 -12.22
N LEU D 27 -6.11 -28.23 -12.82
CA LEU D 27 -5.65 -26.87 -13.06
C LEU D 27 -5.46 -26.14 -11.74
N ASN D 28 -6.46 -26.23 -10.87
CA ASN D 28 -6.38 -25.61 -9.53
C ASN D 28 -5.21 -26.14 -8.76
N ALA D 29 -4.85 -27.40 -8.98
CA ALA D 29 -3.73 -28.01 -8.27
C ALA D 29 -2.39 -27.54 -8.79
N MET D 30 -2.31 -27.12 -10.05
CA MET D 30 -1.06 -26.62 -10.61
C MET D 30 -0.81 -25.29 -9.90
N ILE D 31 -1.88 -24.55 -9.72
CA ILE D 31 -1.83 -23.25 -9.11
C ILE D 31 -1.46 -23.38 -7.63
N ASP D 32 -2.15 -24.26 -6.92
CA ASP D 32 -1.80 -24.59 -5.54
C ASP D 32 -2.17 -26.03 -5.27
N PRO D 33 -1.18 -26.85 -4.89
CA PRO D 33 -1.47 -28.27 -4.68
C PRO D 33 -2.53 -28.44 -3.60
N SER D 34 -2.46 -27.66 -2.54
CA SER D 34 -3.43 -27.84 -1.45
C SER D 34 -4.66 -26.92 -1.56
N TRP D 35 -5.21 -26.75 -2.78
CA TRP D 35 -6.17 -25.66 -3.06
C TRP D 35 -7.48 -25.65 -2.28
N ARG D 36 -8.05 -26.81 -2.02
CA ARG D 36 -9.30 -26.86 -1.23
C ARG D 36 -9.05 -26.34 0.18
N ALA D 37 -7.81 -26.49 0.65
CA ALA D 37 -7.45 -26.01 1.97
C ALA D 37 -7.08 -24.52 1.95
N VAL D 38 -6.46 -24.02 0.89
CA VAL D 38 -6.01 -22.62 0.96
C VAL D 38 -7.01 -21.62 0.40
N ARG D 39 -7.79 -22.03 -0.60
CA ARG D 39 -8.84 -21.18 -1.18
C ARG D 39 -10.07 -21.16 -0.26
N SER D 40 -10.85 -20.09 -0.32
CA SER D 40 -12.08 -19.99 0.44
C SER D 40 -13.21 -19.97 -0.57
N LEU D 41 -14.43 -20.20 -0.09
CA LEU D 41 -15.63 -20.04 -0.93
C LEU D 41 -15.77 -18.60 -1.46
N ASP D 42 -15.49 -17.61 -0.59
CA ASP D 42 -15.44 -16.20 -1.00
C ASP D 42 -14.50 -15.89 -2.18
N ASN D 43 -13.29 -16.47 -2.21
CA ASN D 43 -12.40 -16.33 -3.36
C ASN D 43 -13.15 -16.61 -4.68
N TRP D 44 -13.88 -17.73 -4.76
CA TRP D 44 -14.52 -18.12 -6.02
C TRP D 44 -15.64 -17.15 -6.34
N ALA D 45 -16.44 -16.82 -5.32
CA ALA D 45 -17.53 -15.85 -5.50
C ALA D 45 -16.97 -14.49 -5.97
N LEU D 46 -15.84 -14.10 -5.42
CA LEU D 46 -15.20 -12.85 -5.83
C LEU D 46 -14.77 -12.92 -7.28
N ALA D 47 -14.19 -14.04 -7.67
CA ALA D 47 -13.66 -14.14 -9.02
C ALA D 47 -14.82 -14.10 -10.00
N ILE D 48 -15.93 -14.75 -9.65
CA ILE D 48 -17.12 -14.73 -10.47
C ILE D 48 -17.64 -13.28 -10.57
N THR D 49 -17.54 -12.52 -9.47
CA THR D 49 -18.01 -11.12 -9.46
C THR D 49 -17.17 -10.28 -10.39
N MET D 50 -15.84 -10.39 -10.27
CA MET D 50 -14.91 -9.69 -11.16
C MET D 50 -15.08 -10.02 -12.64
N GLU D 51 -15.31 -11.30 -12.96
CA GLU D 51 -15.43 -11.69 -14.37
C GLU D 51 -16.79 -11.29 -14.89
N SER D 52 -17.78 -11.40 -14.03
CA SER D 52 -19.10 -10.88 -14.39
C SER D 52 -19.04 -9.43 -14.89
N THR D 53 -18.33 -8.54 -14.19
CA THR D 53 -18.28 -7.14 -14.63
C THR D 53 -17.37 -6.98 -15.85
N GLU D 54 -16.35 -7.86 -15.97
CA GLU D 54 -15.48 -7.86 -17.15
C GLU D 54 -16.29 -8.22 -18.37
N LEU D 55 -17.19 -9.17 -18.18
CA LEU D 55 -18.09 -9.55 -19.23
C LEU D 55 -18.97 -8.35 -19.63
N LEU D 56 -19.55 -7.66 -18.64
CA LEU D 56 -20.42 -6.50 -18.92
C LEU D 56 -19.70 -5.33 -19.57
N ASP D 57 -18.41 -5.22 -19.32
CA ASP D 57 -17.60 -4.20 -20.00
C ASP D 57 -17.41 -4.47 -21.49
N SER D 58 -17.75 -5.68 -21.96
CA SER D 58 -17.77 -5.98 -23.40
C SER D 58 -18.95 -5.28 -24.09
N TYR D 59 -19.96 -4.90 -23.32
CA TYR D 59 -21.12 -4.22 -23.85
C TYR D 59 -20.96 -2.70 -23.78
N PRO D 60 -21.69 -1.97 -24.64
CA PRO D 60 -21.61 -0.52 -24.55
C PRO D 60 -22.61 0.01 -23.53
N TRP D 61 -22.31 -0.23 -22.25
CA TRP D 61 -23.22 0.15 -21.17
C TRP D 61 -23.12 1.63 -20.82
N LYS D 62 -22.03 2.29 -21.23
CA LYS D 62 -21.80 3.68 -20.84
C LYS D 62 -22.64 4.63 -21.69
N TRP D 63 -23.39 5.52 -21.03
CA TRP D 63 -24.29 6.45 -21.72
C TRP D 63 -23.60 7.76 -22.05
N TRP D 64 -22.33 7.88 -21.67
CA TRP D 64 -21.63 9.16 -21.78
C TRP D 64 -20.39 9.13 -22.69
N LYS D 65 -20.17 7.99 -23.35
CA LYS D 65 -18.90 7.71 -24.02
C LYS D 65 -19.09 6.55 -24.98
N ASN D 66 -18.28 6.50 -26.04
CA ASN D 66 -18.19 5.29 -26.92
C ASN D 66 -19.54 4.91 -27.51
N LEU D 67 -20.30 5.91 -27.95
CA LEU D 67 -21.63 5.64 -28.46
C LEU D 67 -21.56 4.98 -29.83
N ASN D 68 -22.56 4.14 -30.13
CA ASN D 68 -22.62 3.39 -31.39
C ASN D 68 -21.60 2.24 -31.51
N ALA D 69 -20.95 1.91 -30.39
CA ALA D 69 -20.17 0.68 -30.34
C ALA D 69 -21.12 -0.49 -30.19
N THR D 70 -20.66 -1.68 -30.56
CA THR D 70 -21.48 -2.89 -30.49
C THR D 70 -20.78 -3.90 -29.59
N PRO D 71 -21.55 -4.72 -28.85
CA PRO D 71 -20.96 -5.65 -27.87
C PRO D 71 -19.83 -6.50 -28.44
N ASP D 72 -18.72 -6.57 -27.72
CA ASP D 72 -17.62 -7.48 -28.08
C ASP D 72 -18.00 -8.92 -27.70
N LEU D 73 -18.73 -9.58 -28.60
CA LEU D 73 -19.28 -10.91 -28.31
C LEU D 73 -18.23 -12.00 -28.22
N ALA D 74 -17.11 -11.83 -28.92
CA ALA D 74 -16.00 -12.78 -28.81
C ALA D 74 -15.44 -12.79 -27.39
N ASN D 75 -15.24 -11.62 -26.81
CA ASN D 75 -14.76 -11.52 -25.44
C ASN D 75 -15.78 -12.06 -24.45
N VAL D 76 -17.06 -11.85 -24.74
CA VAL D 76 -18.11 -12.36 -23.87
C VAL D 76 -18.05 -13.90 -23.79
N ARG D 77 -17.78 -14.54 -24.94
CA ARG D 77 -17.66 -15.98 -24.98
C ARG D 77 -16.57 -16.46 -24.02
N ILE D 78 -15.40 -15.85 -24.08
CA ILE D 78 -14.30 -16.25 -23.22
C ILE D 78 -14.64 -16.01 -21.75
N GLU D 79 -15.28 -14.88 -21.46
CA GLU D 79 -15.60 -14.53 -20.08
C GLU D 79 -16.58 -15.52 -19.47
N LEU D 80 -17.58 -15.92 -20.24
CA LEU D 80 -18.47 -17.01 -19.84
C LEU D 80 -17.66 -18.25 -19.44
N VAL D 81 -16.63 -18.55 -20.20
CA VAL D 81 -15.82 -19.72 -19.91
C VAL D 81 -15.03 -19.52 -18.60
N ASP D 82 -14.57 -18.29 -18.38
CA ASP D 82 -13.84 -17.97 -17.14
C ASP D 82 -14.77 -18.13 -15.95
N ILE D 83 -15.98 -17.60 -16.07
CA ILE D 83 -16.94 -17.69 -15.00
C ILE D 83 -17.23 -19.16 -14.70
N PHE D 84 -17.34 -19.97 -15.75
CA PHE D 84 -17.55 -21.41 -15.63
C PHE D 84 -16.42 -22.12 -14.86
N HIS D 85 -15.14 -21.82 -15.17
CA HIS D 85 -14.04 -22.33 -14.30
C HIS D 85 -14.22 -22.01 -12.82
N PHE D 86 -14.51 -20.74 -12.50
CA PHE D 86 -14.56 -20.29 -11.10
C PHE D 86 -15.77 -20.86 -10.44
N SER D 87 -16.84 -20.97 -11.20
CA SER D 87 -18.08 -21.46 -10.66
C SER D 87 -18.06 -23.01 -10.47
N LEU D 88 -17.36 -23.71 -11.35
CA LEU D 88 -17.15 -25.14 -11.18
C LEU D 88 -16.26 -25.38 -9.94
N SER D 89 -15.23 -24.54 -9.76
CA SER D 89 -14.37 -24.63 -8.57
C SER D 89 -15.15 -24.37 -7.29
N GLY D 90 -16.02 -23.36 -7.29
CA GLY D 90 -16.87 -23.08 -6.13
C GLY D 90 -17.76 -24.27 -5.80
N ALA D 91 -18.48 -24.78 -6.80
CA ALA D 91 -19.37 -25.96 -6.58
C ALA D 91 -18.59 -27.14 -6.05
N MET D 92 -17.41 -27.38 -6.62
CA MET D 92 -16.66 -28.54 -6.18
C MET D 92 -16.02 -28.33 -4.82
N GLN D 93 -15.59 -27.11 -4.52
CA GLN D 93 -15.07 -26.85 -3.19
C GLN D 93 -16.21 -26.91 -2.17
N MET D 94 -17.37 -26.47 -2.58
CA MET D 94 -18.52 -26.49 -1.71
C MET D 94 -18.83 -27.94 -1.30
N ARG D 95 -18.85 -28.86 -2.29
CA ARG D 95 -19.03 -30.31 -2.02
C ARG D 95 -17.98 -30.83 -1.03
N SER D 96 -16.79 -30.22 -1.02
CA SER D 96 -15.65 -30.57 -0.14
C SER D 96 -15.61 -29.84 1.22
N THR D 97 -16.52 -28.89 1.44
CA THR D 97 -16.46 -28.03 2.62
C THR D 97 -17.22 -28.65 3.79
N PRO D 98 -16.60 -28.69 4.99
CA PRO D 98 -17.25 -29.27 6.18
C PRO D 98 -18.43 -28.44 6.68
N ASP D 99 -19.30 -29.07 7.46
CA ASP D 99 -20.58 -28.48 7.84
C ASP D 99 -20.51 -27.25 8.72
N ASP D 100 -19.58 -27.23 9.67
CA ASP D 100 -19.42 -26.06 10.55
C ASP D 100 -18.71 -24.88 9.84
N GLU D 101 -18.29 -25.09 8.59
CA GLU D 101 -17.68 -24.04 7.78
C GLU D 101 -18.53 -23.64 6.56
N ILE D 102 -19.71 -24.22 6.43
CA ILE D 102 -20.69 -23.82 5.43
C ILE D 102 -21.21 -22.45 5.86
N PRO D 103 -21.19 -21.47 4.96
CA PRO D 103 -21.70 -20.16 5.31
C PRO D 103 -23.24 -20.10 5.36
N ALA D 104 -23.74 -19.54 6.45
CA ALA D 104 -25.17 -19.37 6.71
C ALA D 104 -26.01 -18.93 5.51
N ALA D 105 -25.41 -18.09 4.66
CA ALA D 105 -26.12 -17.56 3.51
C ALA D 105 -26.44 -18.65 2.49
N SER D 106 -25.59 -19.69 2.40
CA SER D 106 -25.85 -20.78 1.45
C SER D 106 -27.09 -21.58 1.82
N LEU D 107 -27.51 -21.48 3.08
CA LEU D 107 -28.62 -22.28 3.58
C LEU D 107 -29.93 -21.50 3.73
N LYS D 108 -29.87 -20.17 3.68
CA LYS D 108 -31.08 -19.35 3.77
C LYS D 108 -31.76 -19.32 2.40
N PRO D 109 -33.12 -19.24 2.37
CA PRO D 109 -33.80 -19.14 1.08
C PRO D 109 -33.21 -18.03 0.26
N LEU D 110 -33.34 -18.14 -1.06
CA LEU D 110 -32.62 -17.27 -1.94
C LEU D 110 -33.28 -15.90 -1.99
N LYS D 111 -34.59 -15.89 -1.81
CA LYS D 111 -35.42 -14.70 -1.81
C LYS D 111 -35.09 -13.75 -0.65
N GLU D 112 -34.54 -14.29 0.45
CA GLU D 112 -34.17 -13.47 1.59
C GLU D 112 -32.89 -12.67 1.33
N VAL D 113 -32.09 -13.15 0.37
CA VAL D 113 -30.74 -12.67 0.17
C VAL D 113 -30.47 -12.31 -1.31
N MET D 114 -31.51 -11.87 -2.03
CA MET D 114 -31.40 -11.58 -3.48
C MET D 114 -32.69 -11.01 -4.04
N THR D 115 -32.57 -9.98 -4.85
CA THR D 115 -33.69 -9.53 -5.65
C THR D 115 -33.29 -9.74 -7.08
N THR D 116 -34.21 -10.28 -7.85
CA THR D 116 -33.97 -10.62 -9.23
C THR D 116 -34.17 -9.39 -10.10
N PHE D 117 -33.13 -9.01 -10.83
CA PHE D 117 -33.27 -7.92 -11.79
C PHE D 117 -33.85 -8.40 -13.09
N LEU D 118 -34.72 -7.56 -13.65
CA LEU D 118 -35.45 -7.89 -14.86
C LEU D 118 -35.22 -6.77 -15.85
N PRO D 119 -35.04 -7.12 -17.14
CA PRO D 119 -35.01 -6.10 -18.18
C PRO D 119 -36.38 -5.43 -18.32
N ALA D 120 -36.40 -4.25 -18.94
CA ALA D 120 -37.65 -3.52 -19.10
C ALA D 120 -38.44 -4.06 -20.28
N LYS D 121 -37.75 -4.32 -21.41
CA LYS D 121 -38.40 -4.86 -22.60
C LYS D 121 -38.66 -6.37 -22.43
N GLU D 122 -39.74 -6.85 -23.05
CA GLU D 122 -40.12 -8.27 -23.01
C GLU D 122 -39.00 -9.14 -23.57
N CYS D 123 -38.82 -10.31 -22.96
CA CYS D 123 -37.74 -11.20 -23.36
C CYS D 123 -38.01 -12.58 -22.78
N THR D 124 -37.29 -13.58 -23.28
CA THR D 124 -37.28 -14.91 -22.65
C THR D 124 -36.07 -15.06 -21.72
N SER D 125 -36.20 -15.96 -20.76
CA SER D 125 -35.18 -16.21 -19.76
C SER D 125 -34.88 -17.70 -19.67
N ASP D 126 -33.81 -18.04 -18.96
CA ASP D 126 -33.51 -19.43 -18.64
C ASP D 126 -34.56 -19.98 -17.67
N PRO D 127 -34.48 -21.29 -17.34
CA PRO D 127 -35.55 -21.88 -16.53
C PRO D 127 -35.66 -21.33 -15.10
N TYR D 128 -34.54 -20.84 -14.55
CA TYR D 128 -34.53 -20.21 -13.22
C TYR D 128 -35.07 -18.79 -13.18
N GLY D 129 -35.04 -18.09 -14.32
CA GLY D 129 -35.48 -16.68 -14.38
C GLY D 129 -34.38 -15.65 -14.13
N PHE D 130 -33.11 -16.06 -14.20
CA PHE D 130 -31.99 -15.20 -13.82
C PHE D 130 -31.24 -14.57 -14.97
N VAL D 131 -31.32 -15.21 -16.13
CA VAL D 131 -30.55 -14.84 -17.31
C VAL D 131 -31.50 -14.64 -18.52
N PHE D 132 -31.23 -13.64 -19.35
CA PHE D 132 -32.23 -13.14 -20.30
C PHE D 132 -31.71 -13.10 -21.71
N PHE D 133 -32.61 -13.46 -22.64
CA PHE D 133 -32.27 -13.72 -24.03
C PHE D 133 -33.09 -12.80 -24.94
N PRO D 134 -32.46 -12.26 -26.00
CA PRO D 134 -31.11 -12.61 -26.45
C PRO D 134 -30.01 -11.85 -25.74
N LEU D 135 -28.84 -12.48 -25.64
CA LEU D 135 -27.72 -11.89 -24.93
C LEU D 135 -26.90 -10.95 -25.82
N THR D 136 -27.43 -10.72 -27.02
CA THR D 136 -26.96 -9.67 -27.91
C THR D 136 -27.42 -8.32 -27.39
N ASP D 137 -28.41 -8.32 -26.50
CA ASP D 137 -28.98 -7.10 -25.96
C ASP D 137 -28.31 -6.72 -24.63
N THR D 138 -27.80 -5.50 -24.61
CA THR D 138 -27.06 -4.94 -23.49
C THR D 138 -27.85 -5.01 -22.18
N GLN D 139 -29.12 -4.62 -22.23
CA GLN D 139 -30.00 -4.59 -21.06
C GLN D 139 -30.24 -5.99 -20.53
N ASN D 140 -30.41 -6.95 -21.43
CA ASN D 140 -30.50 -8.36 -21.08
C ASN D 140 -29.21 -8.81 -20.40
N ALA D 141 -28.07 -8.51 -21.02
CA ALA D 141 -26.79 -8.84 -20.43
C ALA D 141 -26.63 -8.22 -19.04
N ILE D 142 -26.93 -6.92 -18.92
CA ILE D 142 -26.75 -6.18 -17.66
C ILE D 142 -27.54 -6.86 -16.53
N ALA D 143 -28.84 -7.08 -16.75
CA ALA D 143 -29.65 -7.71 -15.73
C ALA D 143 -29.18 -9.15 -15.46
N SER D 144 -28.71 -9.83 -16.50
CA SER D 144 -28.25 -11.21 -16.34
C SER D 144 -27.13 -11.25 -15.31
N PHE D 145 -26.11 -10.46 -15.55
CA PHE D 145 -24.93 -10.59 -14.74
C PHE D 145 -24.98 -9.87 -13.40
N ARG D 146 -25.91 -8.93 -13.23
CA ARG D 146 -26.21 -8.45 -11.88
C ARG D 146 -26.89 -9.56 -11.06
N ASN D 147 -27.62 -10.46 -11.71
CA ASN D 147 -28.14 -11.62 -10.98
C ASN D 147 -27.05 -12.66 -10.66
N ILE D 148 -26.15 -12.92 -11.62
CA ILE D 148 -25.04 -13.81 -11.38
C ILE D 148 -24.25 -13.38 -10.13
N ILE D 149 -23.93 -12.09 -10.03
CA ILE D 149 -23.16 -11.57 -8.88
C ILE D 149 -23.90 -11.91 -7.59
N GLN D 150 -25.21 -11.69 -7.58
CA GLN D 150 -26.00 -11.99 -6.37
C GLN D 150 -26.06 -13.48 -6.08
N LEU D 151 -26.06 -14.30 -7.13
CA LEU D 151 -26.04 -15.75 -6.94
C LEU D 151 -24.71 -16.15 -6.35
N ALA D 152 -23.63 -15.59 -6.89
CA ALA D 152 -22.29 -15.82 -6.34
C ALA D 152 -22.24 -15.45 -4.83
N ASN D 153 -22.80 -14.30 -4.47
CA ASN D 153 -22.82 -13.87 -3.06
C ASN D 153 -23.58 -14.79 -2.15
N ALA D 154 -24.50 -15.54 -2.73
CA ALA D 154 -25.32 -16.46 -1.96
C ALA D 154 -24.76 -17.88 -2.08
N TYR D 155 -23.60 -18.00 -2.73
CA TYR D 155 -22.87 -19.26 -2.91
C TYR D 155 -23.62 -20.29 -3.78
N ARG D 156 -24.44 -19.83 -4.72
CA ARG D 156 -25.17 -20.75 -5.58
C ARG D 156 -24.37 -21.12 -6.84
N PHE D 157 -23.22 -21.76 -6.63
CA PHE D 157 -22.35 -22.10 -7.76
C PHE D 157 -23.01 -23.06 -8.75
N ASP D 158 -23.78 -24.03 -8.24
CA ASP D 158 -24.48 -24.96 -9.12
C ASP D 158 -25.50 -24.24 -10.01
N VAL D 159 -26.26 -23.29 -9.43
CA VAL D 159 -27.21 -22.51 -10.21
C VAL D 159 -26.50 -21.72 -11.30
N ILE D 160 -25.34 -21.17 -10.96
CA ILE D 160 -24.60 -20.35 -11.92
C ILE D 160 -24.15 -21.17 -13.15
N ILE D 161 -23.62 -22.37 -12.90
CA ILE D 161 -23.24 -23.31 -13.97
C ILE D 161 -24.39 -23.53 -14.95
N GLU D 162 -25.58 -23.80 -14.42
CA GLU D 162 -26.74 -23.96 -15.27
C GLU D 162 -27.07 -22.72 -16.07
N CYS D 163 -26.93 -21.56 -15.43
CA CYS D 163 -27.21 -20.31 -16.10
C CYS D 163 -26.22 -20.09 -17.25
N ILE D 164 -24.95 -20.42 -17.04
CA ILE D 164 -23.91 -20.28 -18.06
C ILE D 164 -24.21 -21.21 -19.23
N ILE D 165 -24.63 -22.43 -18.90
CA ILE D 165 -24.98 -23.39 -19.93
C ILE D 165 -26.03 -22.78 -20.83
N TYR D 166 -27.12 -22.30 -20.25
CA TYR D 166 -28.19 -21.73 -21.05
C TYR D 166 -27.71 -20.49 -21.78
N ALA D 167 -26.85 -19.69 -21.14
CA ALA D 167 -26.22 -18.53 -21.75
C ALA D 167 -25.39 -18.86 -23.01
N ALA D 168 -24.58 -19.91 -22.94
CA ALA D 168 -23.81 -20.38 -24.11
C ALA D 168 -24.71 -20.85 -25.27
N GLU D 169 -25.81 -21.54 -24.95
CA GLU D 169 -26.84 -21.93 -25.93
C GLU D 169 -27.34 -20.71 -26.71
N ASP D 170 -27.69 -19.64 -25.99
CA ASP D 170 -28.27 -18.47 -26.61
C ASP D 170 -27.31 -17.79 -27.57
N LEU D 171 -26.04 -17.70 -27.16
CA LEU D 171 -24.99 -17.08 -27.96
C LEU D 171 -24.47 -18.04 -29.00
N GLY D 172 -24.95 -19.29 -28.94
CA GLY D 172 -24.73 -20.27 -29.98
C GLY D 172 -23.27 -20.64 -30.15
N PHE D 173 -22.58 -20.90 -29.04
CA PHE D 173 -21.25 -21.52 -29.09
C PHE D 173 -21.15 -22.79 -28.27
N ASN D 174 -20.15 -23.61 -28.59
CA ASN D 174 -19.93 -24.83 -27.85
C ASN D 174 -19.19 -24.56 -26.54
N LEU D 175 -19.96 -24.40 -25.47
CA LEU D 175 -19.42 -24.09 -24.13
C LEU D 175 -18.32 -25.05 -23.66
N VAL D 176 -18.60 -26.35 -23.73
CA VAL D 176 -17.65 -27.36 -23.29
C VAL D 176 -16.39 -27.34 -24.15
N ALA D 177 -16.55 -27.18 -25.47
CA ALA D 177 -15.39 -27.04 -26.35
C ALA D 177 -14.50 -25.89 -25.91
N TYR D 178 -15.10 -24.69 -25.76
CA TYR D 178 -14.38 -23.50 -25.30
C TYR D 178 -13.72 -23.71 -23.94
N TYR D 179 -14.39 -24.40 -23.03
CA TYR D 179 -13.81 -24.68 -21.71
C TYR D 179 -12.48 -25.40 -21.86
N ILE D 180 -12.46 -26.45 -22.66
CA ILE D 180 -11.27 -27.24 -22.87
C ILE D 180 -10.11 -26.40 -23.41
N ALA D 181 -10.41 -25.51 -24.35
CA ALA D 181 -9.39 -24.66 -24.95
C ALA D 181 -8.79 -23.69 -23.93
N LYS D 182 -9.65 -23.00 -23.18
CA LYS D 182 -9.17 -22.06 -22.17
C LYS D 182 -8.46 -22.76 -21.02
N HIS D 183 -8.98 -23.92 -20.65
CA HIS D 183 -8.34 -24.74 -19.63
C HIS D 183 -6.90 -25.02 -20.08
N THR D 184 -6.73 -25.40 -21.33
CA THR D 184 -5.39 -25.66 -21.88
C THR D 184 -4.54 -24.39 -21.84
N LEU D 185 -5.12 -23.25 -22.20
CA LEU D 185 -4.40 -21.98 -22.13
C LEU D 185 -4.05 -21.62 -20.68
N ASN D 186 -4.99 -21.78 -19.76
CA ASN D 186 -4.71 -21.61 -18.31
C ASN D 186 -3.51 -22.41 -17.83
N CYS D 187 -3.46 -23.70 -18.21
CA CYS D 187 -2.35 -24.57 -17.81
C CYS D 187 -1.06 -24.02 -18.41
N ILE D 188 -1.15 -23.56 -19.65
CA ILE D 188 0.02 -23.02 -20.33
C ILE D 188 0.60 -21.83 -19.58
N ARG D 189 -0.24 -20.83 -19.30
CA ARG D 189 0.18 -19.68 -18.53
C ARG D 189 0.88 -20.05 -17.22
N GLN D 190 0.36 -21.06 -16.53
CA GLN D 190 0.95 -21.53 -15.28
C GLN D 190 2.34 -22.16 -15.45
N LEU D 191 2.61 -22.69 -16.64
CA LEU D 191 3.94 -23.17 -17.01
C LEU D 191 4.94 -22.07 -17.42
N SER D 192 4.42 -20.89 -17.74
CA SER D 192 5.22 -19.83 -18.35
C SER D 192 5.28 -18.52 -17.54
N GLY D 193 5.29 -18.63 -16.21
CA GLY D 193 5.47 -17.44 -15.33
C GLY D 193 4.34 -16.42 -15.32
N TYR D 194 3.11 -16.90 -15.17
CA TYR D 194 1.97 -16.01 -15.05
C TYR D 194 2.05 -15.40 -13.62
N LYS D 195 2.40 -16.25 -12.65
CA LYS D 195 2.54 -15.88 -11.24
C LYS D 195 3.54 -14.75 -10.96
N ASP D 196 4.66 -14.72 -11.67
CA ASP D 196 5.60 -13.61 -11.48
C ASP D 196 5.30 -12.50 -12.48
N GLY D 197 6.34 -11.90 -13.04
CA GLY D 197 6.12 -10.91 -14.10
C GLY D 197 5.91 -11.51 -15.48
N SER D 198 6.71 -12.55 -15.79
CA SER D 198 7.03 -13.03 -17.15
C SER D 198 5.96 -12.91 -18.24
N TYR D 199 4.89 -13.69 -18.10
CA TYR D 199 4.01 -14.02 -19.20
C TYR D 199 3.50 -12.81 -19.98
N VAL D 200 3.83 -12.77 -21.26
CA VAL D 200 3.29 -11.76 -22.17
C VAL D 200 1.93 -12.24 -22.67
N LYS D 201 0.88 -11.52 -22.29
CA LYS D 201 -0.49 -11.86 -22.69
C LYS D 201 -0.74 -11.49 -24.14
N VAL D 202 -0.16 -10.35 -24.54
CA VAL D 202 -0.19 -9.88 -25.92
C VAL D 202 1.17 -10.06 -26.62
N ASN D 203 1.35 -11.21 -27.28
CA ASN D 203 2.60 -11.55 -27.95
C ASN D 203 2.48 -11.47 -29.47
N ASN D 204 3.41 -10.74 -30.08
CA ASN D 204 3.42 -10.46 -31.54
C ASN D 204 2.35 -9.46 -32.00
N GLY D 205 1.59 -8.92 -31.05
CA GLY D 205 0.50 -7.98 -31.35
C GLY D 205 -0.89 -8.58 -31.27
N VAL D 206 -0.97 -9.84 -30.82
CA VAL D 206 -2.25 -10.54 -30.67
C VAL D 206 -2.44 -11.17 -29.28
N GLU D 207 -3.52 -10.78 -28.61
CA GLU D 207 -3.89 -11.29 -27.29
C GLU D 207 -4.09 -12.82 -27.35
N ASP D 208 -3.61 -13.53 -26.33
CA ASP D 208 -3.63 -15.00 -26.31
C ASP D 208 -5.02 -15.62 -26.43
N ASN D 209 -5.98 -15.08 -25.67
CA ASN D 209 -7.37 -15.57 -25.70
C ASN D 209 -7.97 -15.65 -27.09
N SER D 210 -7.62 -14.71 -27.96
CA SER D 210 -8.19 -14.62 -29.31
C SER D 210 -7.84 -15.84 -30.20
N LEU D 211 -6.69 -16.46 -29.98
CA LEU D 211 -6.27 -17.60 -30.80
C LEU D 211 -7.12 -18.84 -30.58
N LEU D 212 -7.88 -18.82 -29.48
CA LEU D 212 -8.69 -19.95 -29.06
C LEU D 212 -9.89 -20.24 -29.96
N HIS D 213 -10.45 -19.21 -30.59
CA HIS D 213 -11.64 -19.34 -31.43
C HIS D 213 -11.41 -20.32 -32.57
N ASN D 214 -10.18 -20.34 -33.09
CA ASN D 214 -9.81 -21.23 -34.19
C ASN D 214 -9.53 -22.67 -33.77
N CYS D 215 -9.25 -22.89 -32.49
CA CYS D 215 -8.90 -24.23 -32.00
C CYS D 215 -10.14 -25.10 -31.74
N ILE D 216 -11.32 -24.50 -31.83
CA ILE D 216 -12.57 -25.20 -31.50
C ILE D 216 -13.60 -25.16 -32.65
N LYS D 217 -13.18 -24.71 -33.83
CA LYS D 217 -14.11 -24.52 -34.95
C LYS D 217 -14.68 -25.82 -35.55
N ASP D 218 -14.01 -26.94 -35.32
CA ASP D 218 -14.38 -28.23 -35.98
C ASP D 218 -14.91 -29.33 -35.03
N VAL D 219 -15.20 -28.96 -33.79
CA VAL D 219 -15.88 -29.84 -32.83
C VAL D 219 -17.39 -29.55 -32.84
N SER D 220 -18.21 -30.58 -32.64
CA SER D 220 -19.67 -30.40 -32.62
C SER D 220 -20.27 -30.44 -31.20
N LEU D 221 -21.52 -29.98 -31.11
CA LEU D 221 -22.28 -29.99 -29.86
C LEU D 221 -22.27 -31.39 -29.25
N ASP D 222 -22.82 -32.36 -29.99
CA ASP D 222 -22.94 -33.74 -29.50
C ASP D 222 -21.56 -34.39 -29.25
N GLU D 223 -20.60 -34.12 -30.15
CA GLU D 223 -19.27 -34.75 -30.15
C GLU D 223 -18.48 -34.56 -28.85
N VAL D 224 -18.84 -33.54 -28.09
CA VAL D 224 -18.03 -33.16 -26.96
C VAL D 224 -18.75 -33.52 -25.65
N LEU D 225 -20.00 -33.98 -25.81
CA LEU D 225 -20.85 -34.50 -24.74
C LEU D 225 -21.11 -36.01 -24.85
N ASP D 226 -20.59 -36.64 -25.90
CA ASP D 226 -20.90 -38.04 -26.23
C ASP D 226 -20.05 -38.94 -25.35
N ALA D 227 -20.70 -39.73 -24.48
CA ALA D 227 -19.97 -40.61 -23.56
C ALA D 227 -18.94 -41.46 -24.30
N ASP D 228 -19.17 -41.63 -25.61
CA ASP D 228 -18.31 -42.47 -26.41
C ASP D 228 -17.18 -41.77 -27.16
N LYS D 229 -17.50 -40.43 -27.58
CA LYS D 229 -16.50 -39.81 -28.45
C LYS D 229 -15.76 -38.62 -27.83
N TYR D 230 -16.15 -38.26 -26.59
CA TYR D 230 -15.75 -36.98 -26.00
C TYR D 230 -14.26 -36.89 -25.61
N VAL D 231 -13.71 -37.98 -25.08
CA VAL D 231 -12.30 -37.99 -24.68
C VAL D 231 -11.38 -37.70 -25.88
N GLN D 232 -11.63 -38.35 -27.00
CA GLN D 232 -10.88 -38.06 -28.24
C GLN D 232 -11.04 -36.60 -28.68
N ALA D 233 -12.28 -36.11 -28.65
CA ALA D 233 -12.62 -34.77 -29.10
C ALA D 233 -11.91 -33.69 -28.24
N TRP D 234 -11.91 -33.90 -26.93
CA TRP D 234 -11.20 -32.99 -26.00
C TRP D 234 -9.72 -32.98 -26.32
N ASN D 235 -9.18 -34.15 -26.65
CA ASN D 235 -7.75 -34.26 -26.89
C ASN D 235 -7.32 -33.51 -28.13
N SER D 236 -8.18 -33.51 -29.15
CA SER D 236 -7.92 -32.75 -30.37
C SER D 236 -7.92 -31.23 -30.09
N ILE D 237 -8.88 -30.78 -29.30
CA ILE D 237 -8.93 -29.38 -28.87
C ILE D 237 -7.66 -29.02 -28.09
N MET D 238 -7.34 -29.83 -27.08
CA MET D 238 -6.13 -29.64 -26.27
C MET D 238 -4.89 -29.59 -27.13
N ALA D 239 -4.80 -30.52 -28.08
CA ALA D 239 -3.69 -30.55 -29.02
C ALA D 239 -3.62 -29.28 -29.87
N ASN D 240 -4.75 -28.78 -30.31
CA ASN D 240 -4.78 -27.55 -31.12
C ASN D 240 -4.23 -26.35 -30.36
N VAL D 241 -4.57 -26.26 -29.07
CA VAL D 241 -4.12 -25.13 -28.25
C VAL D 241 -2.62 -25.20 -27.95
N TYR D 242 -2.12 -26.39 -27.63
CA TYR D 242 -0.69 -26.56 -27.41
C TYR D 242 0.11 -26.14 -28.63
N GLU D 243 -0.25 -26.69 -29.79
CA GLU D 243 0.48 -26.43 -31.04
C GLU D 243 0.44 -24.95 -31.43
N ALA D 244 -0.69 -24.30 -31.13
CA ALA D 244 -0.85 -22.87 -31.37
C ALA D 244 0.08 -22.03 -30.51
N PHE D 245 0.56 -22.62 -29.41
CA PHE D 245 1.48 -21.93 -28.49
C PHE D 245 2.87 -22.55 -28.45
N GLN D 246 3.16 -23.42 -29.42
CA GLN D 246 4.49 -24.03 -29.60
C GLN D 246 5.02 -24.73 -28.34
N ILE D 247 4.13 -25.50 -27.71
CA ILE D 247 4.44 -26.17 -26.46
C ILE D 247 5.07 -27.56 -26.69
N LYS D 248 6.24 -27.77 -26.10
CA LYS D 248 6.93 -29.07 -26.12
C LYS D 248 6.03 -30.22 -25.61
N GLU D 249 6.32 -31.44 -26.06
CA GLU D 249 5.44 -32.60 -25.77
C GLU D 249 5.44 -33.03 -24.31
N SER D 250 6.60 -32.98 -23.64
CA SER D 250 6.71 -33.43 -22.24
C SER D 250 6.05 -32.48 -21.24
N ASP D 251 5.65 -31.29 -21.71
CA ASP D 251 4.90 -30.32 -20.93
C ASP D 251 3.38 -30.46 -21.14
N ARG D 252 3.00 -31.21 -22.17
CA ARG D 252 1.59 -31.44 -22.51
C ARG D 252 0.99 -32.54 -21.62
N LYS D 253 -0.32 -32.45 -21.44
CA LYS D 253 -1.09 -33.48 -20.74
C LYS D 253 -2.32 -33.76 -21.58
N ASP D 254 -2.80 -35.00 -21.57
CA ASP D 254 -3.98 -35.41 -22.32
C ASP D 254 -5.13 -35.60 -21.33
N ALA D 255 -6.34 -35.72 -21.83
CA ALA D 255 -7.49 -35.81 -20.93
C ALA D 255 -7.31 -36.94 -19.90
N GLU D 256 -6.98 -38.14 -20.37
CA GLU D 256 -6.77 -39.28 -19.45
C GLU D 256 -5.67 -39.07 -18.40
N ARG D 257 -4.60 -38.35 -18.74
CA ARG D 257 -3.61 -37.99 -17.72
C ARG D 257 -4.31 -37.23 -16.60
N TRP D 258 -5.14 -36.24 -16.97
CA TRP D 258 -5.89 -35.48 -15.96
C TRP D 258 -6.82 -36.39 -15.16
N PHE D 259 -7.52 -37.32 -15.84
CA PHE D 259 -8.42 -38.25 -15.13
C PHE D 259 -7.62 -39.10 -14.17
N ALA D 260 -6.41 -39.48 -14.57
CA ALA D 260 -5.58 -40.34 -13.74
C ALA D 260 -5.05 -39.56 -12.54
N LEU D 261 -4.65 -38.32 -12.77
CA LEU D 261 -4.16 -37.46 -11.67
C LEU D 261 -5.26 -37.28 -10.61
N ALA D 262 -6.49 -37.06 -11.07
CA ALA D 262 -7.64 -36.88 -10.16
C ALA D 262 -7.99 -38.13 -9.33
N LYS D 263 -7.91 -39.32 -9.95
CA LYS D 263 -8.13 -40.56 -9.22
C LYS D 263 -7.00 -40.81 -8.21
N GLU D 264 -5.76 -40.55 -8.63
CA GLU D 264 -4.62 -40.65 -7.71
C GLU D 264 -4.88 -39.87 -6.41
N ASN D 265 -5.31 -38.62 -6.55
CA ASN D 265 -5.67 -37.81 -5.39
C ASN D 265 -6.81 -38.43 -4.60
N ARG D 266 -7.92 -38.73 -5.28
CA ARG D 266 -9.08 -39.36 -4.65
C ARG D 266 -8.71 -40.63 -3.86
N LEU D 267 -7.96 -41.54 -4.47
CA LEU D 267 -7.65 -42.82 -3.83
C LEU D 267 -6.17 -42.93 -3.41
#